data_3AGE
#
_entry.id   3AGE
#
_cell.length_a   118.835
_cell.length_b   130.933
_cell.length_c   73.190
_cell.angle_alpha   90.00
_cell.angle_beta   90.00
_cell.angle_gamma   90.00
#
_symmetry.space_group_name_H-M   'P 21 21 2'
#
loop_
_entity.id
_entity.type
_entity.pdbx_description
1 polymer 'Salt-tolerant glutaminase'
2 non-polymer 'GLUTAMIC ACID'
3 water water
#
_entity_poly.entity_id   1
_entity_poly.type   'polypeptide(L)'
_entity_poly.pdbx_seq_one_letter_code
;MRHPIPDYLASLVTELGAVNPGETAQYIPVLAEADPDRFGIALATPTGRLHCAGDADVEFTIQSASKPFTYAAALVDRGF
AAVDRQVGLNPSGEAFNELSLEAESHRPDNAMINAGALAVHQLLVGPEASRKERLDRAVEIMSLLAGRRLSVDWETYESE
MAVSDRNLSLAHMLRSYGVLQDSAEEIVAGYVAQCAVLVTVKDLAVMGACLATGGIHPMTGERMLPSIVARRVVSVMTSS
GMYDAAGQWLADVGIPAKSGVAGGVLGALPGRVGIGVFSPRLDEVGNSARGVLACRRLSEDFRLHLMDGDSLGGTAVRFV
EREGDRVFLHLQGVIRFGGAEAVLDALTDLRTGAEKPGTGWDAAVYPRWQEAAADRAALSAATGGGAVHEAAAAAARDEN
DGPIRTVVLNLARVDRIDDVGRRLIAEGVRRLQADGVRVEVEDPERILPLEEAGAH
;
_entity_poly.pdbx_strand_id   A,B
#
# COMPACT_ATOMS: atom_id res chain seq x y z
N MET A 1 13.44 7.99 -29.84
CA MET A 1 11.99 8.21 -29.59
C MET A 1 11.79 9.02 -28.32
N ARG A 2 10.60 9.57 -28.15
CA ARG A 2 10.29 10.35 -26.96
C ARG A 2 9.44 9.56 -25.98
N HIS A 3 9.79 9.65 -24.70
CA HIS A 3 9.07 8.94 -23.65
C HIS A 3 7.65 9.49 -23.62
N PRO A 4 6.64 8.61 -23.74
CA PRO A 4 5.24 9.04 -23.72
C PRO A 4 4.70 9.74 -22.47
N ILE A 5 5.17 9.35 -21.28
CA ILE A 5 4.68 9.97 -20.05
C ILE A 5 4.76 11.50 -20.00
N PRO A 6 5.92 12.09 -20.34
CA PRO A 6 6.05 13.54 -20.33
C PRO A 6 5.02 14.21 -21.25
N ASP A 7 4.73 13.56 -22.37
CA ASP A 7 3.76 14.09 -23.33
C ASP A 7 2.36 13.95 -22.75
N TYR A 8 2.16 12.92 -21.95
CA TYR A 8 0.87 12.72 -21.30
C TYR A 8 0.66 13.89 -20.34
N LEU A 9 1.71 14.22 -19.59
CA LEU A 9 1.66 15.32 -18.63
C LEU A 9 1.35 16.64 -19.34
N ALA A 10 2.02 16.86 -20.46
CA ALA A 10 1.82 18.09 -21.23
C ALA A 10 0.35 18.24 -21.64
N SER A 11 -0.24 17.15 -22.16
CA SER A 11 -1.63 17.17 -22.59
C SER A 11 -2.51 17.52 -21.40
N LEU A 12 -2.22 16.88 -20.27
CA LEU A 12 -2.96 17.09 -19.04
C LEU A 12 -2.87 18.54 -18.57
N VAL A 13 -1.69 19.13 -18.70
CA VAL A 13 -1.50 20.52 -18.30
C VAL A 13 -2.35 21.41 -19.21
N THR A 14 -2.30 21.14 -20.51
CA THR A 14 -3.06 21.92 -21.46
C THR A 14 -4.55 21.75 -21.21
N GLU A 15 -4.96 20.52 -20.96
CA GLU A 15 -6.36 20.23 -20.71
C GLU A 15 -6.86 20.94 -19.46
N LEU A 16 -6.38 20.50 -18.30
CA LEU A 16 -6.79 21.08 -17.03
C LEU A 16 -6.51 22.58 -17.00
N GLY A 17 -5.54 23.01 -17.79
CA GLY A 17 -5.17 24.41 -17.83
C GLY A 17 -6.11 25.32 -18.61
N ALA A 18 -7.12 24.75 -19.24
CA ALA A 18 -8.09 25.52 -20.00
C ALA A 18 -8.87 26.45 -19.06
N VAL A 19 -8.97 26.03 -17.79
CA VAL A 19 -9.67 26.83 -16.78
C VAL A 19 -8.73 27.09 -15.62
N ASN A 20 -9.10 28.00 -14.71
CA ASN A 20 -8.25 28.31 -13.57
C ASN A 20 -9.08 28.83 -12.40
N PRO A 21 -9.95 27.97 -11.84
CA PRO A 21 -10.84 28.25 -10.71
C PRO A 21 -10.14 28.50 -9.37
N GLY A 22 -10.90 29.02 -8.42
CA GLY A 22 -10.36 29.31 -7.11
C GLY A 22 -9.58 30.60 -7.08
N GLU A 23 -8.84 30.81 -6.00
CA GLU A 23 -8.04 32.01 -5.86
C GLU A 23 -6.81 31.75 -5.02
N THR A 24 -5.83 32.64 -5.14
CA THR A 24 -4.58 32.53 -4.41
C THR A 24 -4.78 32.83 -2.93
N ALA A 25 -3.91 32.28 -2.08
CA ALA A 25 -3.96 32.47 -0.64
C ALA A 25 -4.10 33.94 -0.32
N GLN A 26 -5.19 34.29 0.32
CA GLN A 26 -5.42 35.68 0.64
C GLN A 26 -4.79 36.15 1.93
N TYR A 27 -4.33 35.23 2.77
CA TYR A 27 -3.77 35.60 4.08
C TYR A 27 -2.54 36.50 4.05
N ILE A 28 -1.73 36.40 3.00
CA ILE A 28 -0.58 37.29 2.87
C ILE A 28 -0.47 37.85 1.48
N PRO A 29 -0.23 39.17 1.38
CA PRO A 29 -0.11 39.83 0.09
C PRO A 29 0.89 39.21 -0.91
N VAL A 30 2.05 38.76 -0.45
CA VAL A 30 3.03 38.12 -1.34
C VAL A 30 2.40 36.92 -2.12
N LEU A 31 1.65 36.08 -1.40
CA LEU A 31 1.04 34.95 -2.08
C LEU A 31 -0.23 35.32 -2.85
N ALA A 32 -0.93 36.32 -2.33
CA ALA A 32 -2.15 36.77 -2.97
C ALA A 32 -1.87 37.49 -4.28
N GLU A 33 -0.67 38.07 -4.42
CA GLU A 33 -0.31 38.81 -5.63
C GLU A 33 0.47 37.98 -6.66
N ALA A 34 0.75 36.73 -6.33
CA ALA A 34 1.48 35.85 -7.24
C ALA A 34 0.73 35.61 -8.53
N ASP A 35 1.48 35.53 -9.63
CA ASP A 35 0.91 35.28 -10.94
C ASP A 35 0.09 33.99 -10.86
N PRO A 36 -1.24 34.10 -11.06
CA PRO A 36 -2.11 32.93 -11.00
C PRO A 36 -1.97 32.02 -12.22
N ASP A 37 -1.59 32.62 -13.35
CA ASP A 37 -1.44 31.86 -14.58
C ASP A 37 -0.17 31.02 -14.62
N ARG A 38 -0.14 29.96 -13.82
CA ARG A 38 1.01 29.06 -13.78
C ARG A 38 0.53 27.65 -13.44
N PHE A 39 1.07 26.65 -14.14
CA PHE A 39 0.65 25.27 -13.92
C PHE A 39 1.70 24.27 -14.39
N GLY A 40 2.39 23.65 -13.44
CA GLY A 40 3.42 22.69 -13.77
C GLY A 40 3.23 21.38 -13.03
N ILE A 41 3.86 20.33 -13.53
CA ILE A 41 3.74 19.01 -12.92
C ILE A 41 4.97 18.15 -13.23
N ALA A 42 5.35 17.31 -12.27
CA ALA A 42 6.51 16.43 -12.43
C ALA A 42 6.33 15.10 -11.71
N LEU A 43 6.93 14.06 -12.25
CA LEU A 43 6.88 12.73 -11.66
C LEU A 43 8.32 12.25 -11.57
N ALA A 44 8.70 11.75 -10.40
CA ALA A 44 10.05 11.23 -10.16
C ALA A 44 9.88 9.76 -9.86
N THR A 45 10.50 8.92 -10.70
CA THR A 45 10.39 7.49 -10.57
C THR A 45 11.56 6.84 -9.84
N PRO A 46 11.32 5.64 -9.28
CA PRO A 46 12.38 4.91 -8.54
C PRO A 46 13.54 4.60 -9.47
N THR A 47 13.23 4.40 -10.75
CA THR A 47 14.25 4.08 -11.74
C THR A 47 15.27 5.21 -11.84
N GLY A 48 14.80 6.44 -11.69
CA GLY A 48 15.71 7.58 -11.75
C GLY A 48 15.36 8.55 -12.84
N ARG A 49 14.09 8.56 -13.25
CA ARG A 49 13.65 9.47 -14.29
C ARG A 49 12.83 10.60 -13.70
N LEU A 50 12.70 11.66 -14.48
CA LEU A 50 11.96 12.83 -14.03
C LEU A 50 11.11 13.34 -15.18
N HIS A 51 9.89 12.82 -15.29
CA HIS A 51 9.00 13.22 -16.37
C HIS A 51 8.20 14.45 -15.91
N CYS A 52 8.15 15.48 -16.75
CA CYS A 52 7.41 16.68 -16.37
C CYS A 52 6.92 17.52 -17.52
N ALA A 53 5.99 18.44 -17.22
CA ALA A 53 5.40 19.34 -18.19
C ALA A 53 4.98 20.65 -17.51
N GLY A 54 4.77 21.69 -18.33
CA GLY A 54 4.35 22.98 -17.80
C GLY A 54 5.42 23.74 -17.04
N ASP A 55 4.99 24.57 -16.08
CA ASP A 55 5.90 25.36 -15.27
C ASP A 55 6.49 24.50 -14.15
N ALA A 56 7.11 23.40 -14.54
CA ALA A 56 7.70 22.48 -13.57
C ALA A 56 9.01 22.99 -12.98
N ASP A 57 9.47 24.16 -13.42
CA ASP A 57 10.73 24.69 -12.92
C ASP A 57 10.61 26.06 -12.26
N VAL A 58 9.39 26.47 -11.95
CA VAL A 58 9.17 27.76 -11.31
C VAL A 58 9.17 27.55 -9.79
N GLU A 59 10.05 28.27 -9.10
CA GLU A 59 10.12 28.13 -7.65
C GLU A 59 8.92 28.75 -6.97
N PHE A 60 8.62 28.22 -5.80
CA PHE A 60 7.52 28.72 -4.98
C PHE A 60 7.77 28.20 -3.57
N THR A 61 7.17 28.85 -2.58
CA THR A 61 7.35 28.42 -1.20
C THR A 61 6.57 27.13 -0.97
N ILE A 62 7.26 26.14 -0.40
CA ILE A 62 6.69 24.82 -0.13
C ILE A 62 5.61 24.79 0.95
N GLN A 63 5.58 25.81 1.81
CA GLN A 63 4.58 25.87 2.87
C GLN A 63 4.41 24.54 3.60
N SER A 64 3.16 24.18 3.92
CA SER A 64 2.88 22.95 4.64
C SER A 64 3.41 21.68 4.00
N ALA A 65 3.86 21.76 2.76
CA ALA A 65 4.39 20.57 2.09
C ALA A 65 5.75 20.27 2.72
N SER A 66 6.18 21.15 3.61
CA SER A 66 7.46 20.98 4.30
C SER A 66 7.28 20.07 5.52
N LYS A 67 6.03 19.93 5.97
CA LYS A 67 5.72 19.14 7.15
C LYS A 67 6.19 17.69 7.16
N PRO A 68 5.97 16.94 6.07
CA PRO A 68 6.43 15.55 6.12
C PRO A 68 7.94 15.38 6.24
N PHE A 69 8.69 16.36 5.76
CA PHE A 69 10.15 16.30 5.82
C PHE A 69 10.75 16.73 7.16
N THR A 70 10.21 17.77 7.76
CA THR A 70 10.73 18.21 9.05
C THR A 70 10.42 17.11 10.08
N TYR A 71 9.28 16.45 9.87
CA TYR A 71 8.81 15.36 10.74
C TYR A 71 9.77 14.18 10.62
N ALA A 72 10.25 13.93 9.41
CA ALA A 72 11.18 12.84 9.22
C ALA A 72 12.47 13.18 9.97
N ALA A 73 12.98 14.38 9.75
CA ALA A 73 14.21 14.84 10.41
C ALA A 73 14.13 14.69 11.93
N ALA A 74 12.97 15.01 12.49
CA ALA A 74 12.80 14.91 13.94
C ALA A 74 12.92 13.47 14.42
N LEU A 75 12.33 12.55 13.67
CA LEU A 75 12.38 11.14 14.01
C LEU A 75 13.82 10.64 13.93
N VAL A 76 14.53 11.10 12.92
CA VAL A 76 15.93 10.71 12.75
C VAL A 76 16.79 11.27 13.88
N ASP A 77 16.57 12.54 14.20
CA ASP A 77 17.34 13.19 15.24
C ASP A 77 16.95 12.83 16.67
N ARG A 78 15.67 12.59 16.92
CA ARG A 78 15.23 12.31 18.29
C ARG A 78 14.78 10.90 18.61
N GLY A 79 14.44 10.12 17.59
CA GLY A 79 13.98 8.75 17.82
C GLY A 79 12.47 8.77 18.00
N PHE A 80 11.82 7.65 17.70
CA PHE A 80 10.37 7.55 17.80
C PHE A 80 9.73 7.89 19.16
N ALA A 81 10.32 7.40 20.24
CA ALA A 81 9.75 7.65 21.56
C ALA A 81 9.67 9.15 21.85
N ALA A 82 10.80 9.83 21.69
CA ALA A 82 10.90 11.26 21.95
C ALA A 82 9.91 12.08 21.13
N VAL A 83 9.73 11.72 19.86
CA VAL A 83 8.80 12.45 19.01
C VAL A 83 7.35 12.08 19.32
N ASP A 84 7.09 10.79 19.41
CA ASP A 84 5.74 10.31 19.69
C ASP A 84 5.20 10.81 21.03
N ARG A 85 6.08 11.30 21.88
CA ARG A 85 5.64 11.82 23.17
C ARG A 85 5.04 13.20 23.00
N GLN A 86 5.45 13.90 21.93
CA GLN A 86 4.98 15.26 21.67
C GLN A 86 4.13 15.43 20.42
N VAL A 87 4.20 14.46 19.52
CA VAL A 87 3.43 14.51 18.28
C VAL A 87 2.62 13.22 18.13
N GLY A 88 1.31 13.35 18.19
CA GLY A 88 0.44 12.19 18.07
C GLY A 88 0.31 11.65 16.66
N LEU A 89 -0.45 10.57 16.52
CA LEU A 89 -0.67 9.92 15.24
C LEU A 89 -2.16 9.91 14.90
N ASN A 90 -2.95 10.65 15.68
CA ASN A 90 -4.38 10.72 15.46
C ASN A 90 -4.77 11.57 14.26
N PRO A 91 -5.51 11.00 13.30
CA PRO A 91 -5.90 11.80 12.14
C PRO A 91 -6.86 12.93 12.48
N SER A 92 -6.58 14.12 11.94
CA SER A 92 -7.40 15.30 12.19
C SER A 92 -7.23 16.40 11.13
N GLY A 93 -8.21 17.30 11.05
CA GLY A 93 -8.15 18.42 10.14
C GLY A 93 -7.43 19.54 10.90
N GLU A 94 -7.27 20.70 10.26
CA GLU A 94 -6.56 21.83 10.88
C GLU A 94 -7.30 22.51 12.04
N ALA A 95 -8.63 22.48 12.02
CA ALA A 95 -9.42 23.09 13.10
C ALA A 95 -8.88 22.59 14.44
N PHE A 96 -8.56 23.54 15.33
CA PHE A 96 -7.99 23.20 16.64
C PHE A 96 -8.96 23.17 17.82
N ASN A 97 -8.89 22.09 18.59
CA ASN A 97 -9.72 21.90 19.78
C ASN A 97 -8.78 21.54 20.94
N GLU A 98 -8.76 22.40 21.96
CA GLU A 98 -7.90 22.21 23.13
C GLU A 98 -8.03 20.81 23.73
N LEU A 99 -9.15 20.16 23.52
CA LEU A 99 -9.37 18.81 24.05
C LEU A 99 -8.28 17.84 23.62
N SER A 100 -7.87 17.92 22.36
CA SER A 100 -6.83 17.03 21.84
C SER A 100 -5.56 17.05 22.69
N LEU A 101 -5.38 18.11 23.46
CA LEU A 101 -4.20 18.24 24.33
C LEU A 101 -4.48 17.82 25.78
N GLU A 102 -5.76 17.74 26.13
CA GLU A 102 -6.16 17.35 27.48
C GLU A 102 -6.04 15.85 27.70
N ALA A 103 -5.66 15.13 26.66
CA ALA A 103 -5.50 13.68 26.75
C ALA A 103 -4.35 13.38 27.70
N GLU A 104 -4.21 12.09 28.02
CA GLU A 104 -3.18 11.65 28.94
C GLU A 104 -1.76 11.89 28.45
N SER A 105 -1.56 11.89 27.14
CA SER A 105 -0.23 12.08 26.59
C SER A 105 0.13 13.55 26.38
N HIS A 106 -0.87 14.40 26.17
CA HIS A 106 -0.66 15.83 25.97
C HIS A 106 0.11 16.12 24.68
N ARG A 107 -0.58 16.05 23.55
CA ARG A 107 0.09 16.31 22.28
C ARG A 107 -0.91 16.59 21.18
N PRO A 108 -0.52 17.41 20.19
CA PRO A 108 -1.43 17.72 19.08
C PRO A 108 -1.68 16.39 18.36
N ASP A 109 -2.74 16.32 17.58
CA ASP A 109 -3.10 15.08 16.89
C ASP A 109 -2.07 14.44 15.92
N ASN A 110 -1.45 15.22 15.05
CA ASN A 110 -0.47 14.64 14.11
C ASN A 110 0.43 15.69 13.50
N ALA A 111 1.48 15.22 12.82
CA ALA A 111 2.46 16.09 12.19
C ALA A 111 1.99 16.87 10.97
N MET A 112 0.81 16.53 10.44
CA MET A 112 0.33 17.24 9.25
C MET A 112 -0.38 18.55 9.54
N ILE A 113 -0.89 18.71 10.75
CA ILE A 113 -1.57 19.95 11.13
C ILE A 113 -0.57 20.93 11.74
N ASN A 114 -0.90 22.22 11.69
CA ASN A 114 -0.01 23.25 12.22
C ASN A 114 0.49 22.96 13.62
N ALA A 115 -0.44 22.71 14.53
CA ALA A 115 -0.11 22.44 15.92
C ALA A 115 0.96 21.36 15.99
N GLY A 116 0.80 20.33 15.18
CA GLY A 116 1.78 19.25 15.17
C GLY A 116 3.08 19.69 14.51
N ALA A 117 2.97 20.42 13.41
CA ALA A 117 4.15 20.88 12.68
C ALA A 117 5.02 21.75 13.60
N LEU A 118 4.36 22.51 14.48
CA LEU A 118 5.06 23.35 15.43
C LEU A 118 5.81 22.46 16.43
N ALA A 119 5.12 21.43 16.92
CA ALA A 119 5.71 20.49 17.87
C ALA A 119 6.92 19.81 17.25
N VAL A 120 6.82 19.55 15.95
CA VAL A 120 7.88 18.90 15.17
C VAL A 120 9.13 19.78 15.10
N HIS A 121 8.95 21.03 14.69
CA HIS A 121 10.07 21.96 14.58
C HIS A 121 10.82 22.06 15.91
N GLN A 122 10.06 22.10 17.01
CA GLN A 122 10.66 22.20 18.34
C GLN A 122 11.57 21.01 18.65
N LEU A 123 11.33 19.88 18.00
CA LEU A 123 12.13 18.69 18.23
C LEU A 123 13.34 18.53 17.31
N LEU A 124 13.27 19.20 16.16
CA LEU A 124 14.29 19.12 15.12
C LEU A 124 15.75 18.68 15.34
N VAL A 125 16.46 19.23 16.31
CA VAL A 125 17.85 18.79 16.46
C VAL A 125 18.16 18.07 17.76
N GLY A 126 17.71 18.64 18.86
CA GLY A 126 17.97 18.03 20.15
C GLY A 126 17.29 18.85 21.24
N PRO A 127 17.40 18.42 22.49
CA PRO A 127 16.79 19.14 23.60
C PRO A 127 17.33 20.55 23.75
N GLU A 128 18.62 20.73 23.45
CA GLU A 128 19.24 22.02 23.62
C GLU A 128 19.61 22.82 22.37
N ALA A 129 19.15 22.38 21.20
CA ALA A 129 19.48 23.11 19.98
C ALA A 129 19.02 24.55 20.03
N SER A 130 19.65 25.40 19.23
CA SER A 130 19.29 26.81 19.16
C SER A 130 18.35 27.03 17.99
N ARG A 131 17.76 28.21 17.96
CA ARG A 131 16.82 28.59 16.90
C ARG A 131 17.42 28.36 15.51
N LYS A 132 18.57 28.98 15.27
CA LYS A 132 19.27 28.88 13.99
C LYS A 132 19.63 27.43 13.63
N GLU A 133 19.96 26.63 14.64
CA GLU A 133 20.30 25.23 14.41
C GLU A 133 19.09 24.44 13.87
N ARG A 134 17.92 24.66 14.47
CA ARG A 134 16.72 23.97 14.03
C ARG A 134 16.32 24.43 12.62
N LEU A 135 16.31 25.73 12.39
CA LEU A 135 15.96 26.22 11.06
C LEU A 135 16.91 25.58 10.05
N ASP A 136 18.22 25.63 10.35
CA ASP A 136 19.21 25.06 9.45
C ASP A 136 18.90 23.60 9.19
N ARG A 137 18.47 22.90 10.24
CA ARG A 137 18.15 21.48 10.11
C ARG A 137 16.95 21.26 9.18
N ALA A 138 15.94 22.11 9.29
CA ALA A 138 14.75 21.99 8.44
C ALA A 138 15.14 22.18 6.99
N VAL A 139 15.88 23.26 6.72
CA VAL A 139 16.33 23.57 5.38
C VAL A 139 17.21 22.44 4.86
N GLU A 140 17.96 21.81 5.76
CA GLU A 140 18.85 20.73 5.37
C GLU A 140 18.12 19.48 4.92
N ILE A 141 17.25 18.95 5.77
CA ILE A 141 16.53 17.73 5.43
C ILE A 141 15.88 17.86 4.05
N MET A 142 15.26 19.00 3.80
CA MET A 142 14.62 19.24 2.52
C MET A 142 15.63 19.29 1.39
N SER A 143 16.77 19.93 1.64
CA SER A 143 17.81 20.04 0.62
C SER A 143 18.42 18.67 0.30
N LEU A 144 18.66 17.88 1.34
CA LEU A 144 19.24 16.55 1.14
C LEU A 144 18.39 15.68 0.21
N LEU A 145 17.06 15.72 0.37
CA LEU A 145 16.20 14.89 -0.47
C LEU A 145 15.97 15.48 -1.85
N ALA A 146 16.01 16.80 -1.96
CA ALA A 146 15.81 17.44 -3.25
C ALA A 146 17.08 17.27 -4.08
N GLY A 147 18.21 17.12 -3.41
CA GLY A 147 19.47 16.95 -4.10
C GLY A 147 20.20 18.26 -4.36
N ARG A 148 19.79 19.33 -3.70
CA ARG A 148 20.43 20.62 -3.88
C ARG A 148 20.13 21.56 -2.71
N ARG A 149 21.00 22.52 -2.49
CA ARG A 149 20.82 23.48 -1.41
C ARG A 149 19.62 24.38 -1.72
N LEU A 150 18.61 24.32 -0.87
CA LEU A 150 17.42 25.13 -1.07
C LEU A 150 17.58 26.42 -0.26
N SER A 151 16.73 27.39 -0.53
CA SER A 151 16.80 28.67 0.19
C SER A 151 15.44 29.17 0.64
N VAL A 152 15.43 29.98 1.68
CA VAL A 152 14.20 30.54 2.22
C VAL A 152 13.85 31.85 1.53
N ASP A 153 12.61 31.97 1.06
CA ASP A 153 12.18 33.21 0.43
C ASP A 153 11.77 34.15 1.57
N TRP A 154 12.73 34.94 2.04
CA TRP A 154 12.50 35.86 3.15
C TRP A 154 11.42 36.90 2.91
N GLU A 155 11.18 37.25 1.64
CA GLU A 155 10.14 38.22 1.35
C GLU A 155 8.80 37.63 1.81
N THR A 156 8.62 36.33 1.57
CA THR A 156 7.41 35.62 1.97
C THR A 156 7.36 35.44 3.49
N TYR A 157 8.51 35.15 4.08
CA TYR A 157 8.66 34.96 5.51
C TYR A 157 8.09 36.21 6.21
N GLU A 158 8.75 37.34 5.98
CA GLU A 158 8.32 38.61 6.58
C GLU A 158 6.82 38.83 6.45
N SER A 159 6.33 38.79 5.22
CA SER A 159 4.91 39.01 4.95
C SER A 159 4.02 38.19 5.87
N GLU A 160 4.32 36.90 6.03
CA GLU A 160 3.53 36.01 6.88
C GLU A 160 3.79 36.19 8.37
N MET A 161 5.01 36.53 8.74
CA MET A 161 5.32 36.71 10.16
C MET A 161 4.54 37.89 10.74
N ALA A 162 4.07 38.77 9.87
CA ALA A 162 3.32 39.94 10.29
C ALA A 162 1.86 39.60 10.58
N VAL A 163 1.42 38.43 10.11
CA VAL A 163 0.05 37.98 10.33
C VAL A 163 0.02 36.51 10.76
N SER A 164 0.75 36.19 11.83
CA SER A 164 0.79 34.82 12.35
C SER A 164 0.08 34.64 13.69
N ASP A 165 -0.93 35.46 13.96
CA ASP A 165 -1.65 35.34 15.21
C ASP A 165 -2.19 33.92 15.44
N ARG A 166 -2.71 33.28 14.39
CA ARG A 166 -3.25 31.93 14.58
C ARG A 166 -2.20 30.92 15.00
N ASN A 167 -1.06 30.87 14.28
CA ASN A 167 -0.03 29.92 14.65
C ASN A 167 0.60 30.28 15.99
N LEU A 168 0.63 31.58 16.29
CA LEU A 168 1.16 32.05 17.57
C LEU A 168 0.24 31.52 18.67
N SER A 169 -1.06 31.44 18.36
CA SER A 169 -2.05 30.93 19.30
C SER A 169 -1.81 29.45 19.58
N LEU A 170 -1.57 28.67 18.53
CA LEU A 170 -1.33 27.24 18.70
C LEU A 170 -0.03 27.05 19.49
N ALA A 171 1.01 27.79 19.11
CA ALA A 171 2.29 27.68 19.81
C ALA A 171 2.13 27.96 21.30
N HIS A 172 1.37 28.99 21.64
CA HIS A 172 1.16 29.35 23.05
C HIS A 172 0.41 28.27 23.80
N MET A 173 -0.64 27.73 23.18
CA MET A 173 -1.43 26.69 23.80
C MET A 173 -0.58 25.45 24.01
N LEU A 174 0.28 25.15 23.04
CA LEU A 174 1.15 23.98 23.14
C LEU A 174 2.16 24.16 24.27
N ARG A 175 2.60 25.40 24.49
CA ARG A 175 3.54 25.67 25.58
C ARG A 175 2.83 25.40 26.90
N SER A 176 1.59 25.87 26.98
CA SER A 176 0.75 25.71 28.17
C SER A 176 0.68 24.25 28.62
N TYR A 177 0.75 23.34 27.66
CA TYR A 177 0.69 21.92 27.97
C TYR A 177 2.03 21.20 27.92
N GLY A 178 3.12 21.96 27.91
CA GLY A 178 4.45 21.37 27.88
C GLY A 178 4.93 20.73 26.58
N VAL A 179 4.26 21.01 25.47
CA VAL A 179 4.68 20.45 24.19
C VAL A 179 5.81 21.29 23.60
N LEU A 180 5.80 22.59 23.91
CA LEU A 180 6.85 23.49 23.45
C LEU A 180 7.59 24.02 24.67
N GLN A 181 8.91 24.15 24.58
CA GLN A 181 9.69 24.64 25.69
C GLN A 181 10.16 26.08 25.50
N ASP A 182 10.52 26.43 24.26
CA ASP A 182 10.98 27.77 23.94
C ASP A 182 9.80 28.69 23.66
N SER A 183 10.06 29.98 23.50
CA SER A 183 8.97 30.93 23.26
C SER A 183 8.14 30.60 22.04
N ALA A 184 6.88 31.02 22.06
CA ALA A 184 5.97 30.79 20.95
C ALA A 184 6.49 31.48 19.71
N GLU A 185 7.06 32.66 19.88
CA GLU A 185 7.58 33.43 18.75
C GLU A 185 8.76 32.74 18.07
N GLU A 186 9.62 32.10 18.87
CA GLU A 186 10.80 31.40 18.33
C GLU A 186 10.42 30.21 17.48
N ILE A 187 9.46 29.43 17.97
CA ILE A 187 9.02 28.25 17.25
C ILE A 187 8.18 28.62 16.04
N VAL A 188 7.30 29.61 16.17
CA VAL A 188 6.48 30.01 15.05
C VAL A 188 7.37 30.59 13.95
N ALA A 189 8.39 31.35 14.34
CA ALA A 189 9.29 31.94 13.36
C ALA A 189 10.02 30.84 12.60
N GLY A 190 10.40 29.77 13.30
CA GLY A 190 11.08 28.67 12.64
C GLY A 190 10.21 27.99 11.64
N TYR A 191 8.99 27.66 12.05
CA TYR A 191 8.02 26.98 11.20
C TYR A 191 7.64 27.82 9.97
N VAL A 192 7.59 29.15 10.12
CA VAL A 192 7.24 30.02 9.00
C VAL A 192 8.40 30.10 8.00
N ALA A 193 9.63 30.10 8.49
CA ALA A 193 10.79 30.14 7.60
C ALA A 193 10.77 28.82 6.83
N GLN A 194 10.50 27.75 7.57
CA GLN A 194 10.42 26.41 7.05
C GLN A 194 9.47 26.41 5.85
N CYS A 195 8.36 27.14 5.99
CA CYS A 195 7.34 27.23 4.94
C CYS A 195 7.79 28.14 3.79
N ALA A 196 8.81 28.95 4.05
CA ALA A 196 9.30 29.86 3.04
C ALA A 196 10.41 29.26 2.20
N VAL A 197 10.73 27.98 2.44
CA VAL A 197 11.77 27.32 1.65
C VAL A 197 11.28 27.24 0.20
N LEU A 198 12.13 27.64 -0.74
CA LEU A 198 11.80 27.65 -2.16
C LEU A 198 12.05 26.35 -2.92
N VAL A 199 10.99 25.82 -3.52
CA VAL A 199 11.08 24.59 -4.28
C VAL A 199 10.31 24.68 -5.60
N THR A 200 10.59 23.75 -6.48
CA THR A 200 9.92 23.68 -7.78
C THR A 200 9.17 22.35 -7.81
N VAL A 201 8.32 22.23 -8.81
CA VAL A 201 7.55 21.02 -9.00
C VAL A 201 8.48 19.81 -9.03
N LYS A 202 9.59 19.96 -9.75
CA LYS A 202 10.58 18.91 -9.86
C LYS A 202 11.18 18.54 -8.50
N ASP A 203 11.44 19.56 -7.68
CA ASP A 203 12.00 19.32 -6.36
C ASP A 203 11.04 18.47 -5.54
N LEU A 204 9.77 18.86 -5.52
CA LEU A 204 8.78 18.11 -4.76
C LEU A 204 8.72 16.66 -5.20
N ALA A 205 8.70 16.43 -6.51
CA ALA A 205 8.66 15.08 -7.05
C ALA A 205 9.83 14.24 -6.53
N VAL A 206 11.03 14.76 -6.70
CA VAL A 206 12.22 14.04 -6.24
C VAL A 206 12.10 13.79 -4.75
N MET A 207 11.79 14.83 -4.00
CA MET A 207 11.64 14.75 -2.54
C MET A 207 10.61 13.68 -2.16
N GLY A 208 9.51 13.64 -2.90
CA GLY A 208 8.46 12.67 -2.64
C GLY A 208 8.90 11.27 -3.01
N ALA A 209 9.63 11.15 -4.11
CA ALA A 209 10.13 9.85 -4.56
C ALA A 209 10.97 9.23 -3.43
N CYS A 210 11.70 10.08 -2.71
CA CYS A 210 12.54 9.63 -1.61
C CYS A 210 11.74 8.88 -0.54
N LEU A 211 10.53 9.35 -0.28
CA LEU A 211 9.68 8.70 0.71
C LEU A 211 9.12 7.45 0.03
N ALA A 212 8.63 7.64 -1.18
CA ALA A 212 8.04 6.56 -1.98
C ALA A 212 8.89 5.30 -2.06
N THR A 213 10.21 5.46 -2.09
CA THR A 213 11.13 4.33 -2.18
C THR A 213 11.55 3.78 -0.83
N GLY A 214 10.99 4.34 0.23
CA GLY A 214 11.34 3.87 1.56
C GLY A 214 12.57 4.56 2.11
N GLY A 215 12.90 5.73 1.54
CA GLY A 215 14.06 6.45 2.04
C GLY A 215 15.30 6.41 1.17
N ILE A 216 15.14 5.97 -0.08
CA ILE A 216 16.28 5.91 -0.97
C ILE A 216 16.18 6.99 -2.03
N HIS A 217 17.28 7.70 -2.27
CA HIS A 217 17.26 8.76 -3.28
C HIS A 217 17.26 8.10 -4.64
N PRO A 218 16.21 8.35 -5.43
CA PRO A 218 16.09 7.77 -6.77
C PRO A 218 17.21 8.11 -7.74
N MET A 219 17.82 9.27 -7.59
CA MET A 219 18.88 9.71 -8.49
C MET A 219 20.28 9.22 -8.16
N THR A 220 20.48 8.74 -6.94
CA THR A 220 21.81 8.27 -6.54
C THR A 220 21.85 6.87 -5.94
N GLY A 221 20.74 6.44 -5.36
CA GLY A 221 20.69 5.12 -4.75
C GLY A 221 21.12 5.15 -3.30
N GLU A 222 21.48 6.33 -2.82
CA GLU A 222 21.91 6.51 -1.43
C GLU A 222 20.68 6.51 -0.52
N ARG A 223 20.81 5.95 0.68
CA ARG A 223 19.69 5.95 1.60
C ARG A 223 19.71 7.27 2.35
N MET A 224 18.60 8.00 2.27
CA MET A 224 18.50 9.29 2.93
C MET A 224 17.77 9.16 4.26
N LEU A 225 16.86 8.21 4.36
CA LEU A 225 16.10 7.99 5.59
C LEU A 225 15.90 6.51 5.85
N PRO A 226 15.84 6.12 7.13
CA PRO A 226 15.64 4.71 7.46
C PRO A 226 14.24 4.39 6.93
N SER A 227 14.07 3.22 6.32
CA SER A 227 12.77 2.85 5.76
C SER A 227 11.64 2.94 6.77
N ILE A 228 11.95 2.62 8.03
CA ILE A 228 10.97 2.66 9.09
C ILE A 228 10.43 4.08 9.29
N VAL A 229 11.29 5.08 9.02
CA VAL A 229 10.91 6.48 9.15
C VAL A 229 10.10 6.94 7.93
N ALA A 230 10.53 6.53 6.75
CA ALA A 230 9.84 6.89 5.52
C ALA A 230 8.38 6.44 5.58
N ARG A 231 8.19 5.22 6.05
CA ARG A 231 6.87 4.62 6.17
C ARG A 231 5.97 5.40 7.14
N ARG A 232 6.56 5.80 8.27
CA ARG A 232 5.81 6.56 9.26
C ARG A 232 5.32 7.87 8.65
N VAL A 233 6.19 8.50 7.86
CA VAL A 233 5.86 9.77 7.23
C VAL A 233 4.76 9.62 6.21
N VAL A 234 4.85 8.60 5.38
CA VAL A 234 3.82 8.42 4.37
C VAL A 234 2.51 7.96 5.01
N SER A 235 2.59 7.17 6.07
CA SER A 235 1.38 6.72 6.76
C SER A 235 0.62 7.95 7.22
N VAL A 236 1.32 8.80 7.96
CA VAL A 236 0.76 10.03 8.50
C VAL A 236 0.18 10.94 7.41
N MET A 237 0.87 11.03 6.27
CA MET A 237 0.38 11.84 5.15
C MET A 237 -0.94 11.24 4.69
N THR A 238 -0.98 9.92 4.60
CA THR A 238 -2.18 9.21 4.15
C THR A 238 -3.38 9.49 5.04
N SER A 239 -3.17 9.46 6.34
CA SER A 239 -4.25 9.69 7.29
C SER A 239 -4.75 11.13 7.40
N SER A 240 -3.86 12.11 7.36
CA SER A 240 -4.27 13.50 7.50
C SER A 240 -3.88 14.47 6.41
N GLY A 241 -3.04 14.02 5.48
CA GLY A 241 -2.61 14.89 4.41
C GLY A 241 -3.70 15.64 3.66
N MET A 242 -4.77 14.93 3.31
CA MET A 242 -5.89 15.54 2.58
C MET A 242 -7.20 15.38 3.36
N TYR A 243 -7.10 15.41 4.67
CA TYR A 243 -8.26 15.23 5.55
C TYR A 243 -9.56 15.94 5.17
N ASP A 244 -9.49 17.20 4.74
CA ASP A 244 -10.70 17.93 4.41
C ASP A 244 -11.02 18.10 2.93
N ALA A 245 -10.41 17.29 2.08
CA ALA A 245 -10.68 17.38 0.64
C ALA A 245 -12.01 16.69 0.35
N ALA A 246 -12.59 16.96 -0.82
CA ALA A 246 -13.85 16.35 -1.20
C ALA A 246 -13.76 14.81 -1.25
N GLY A 247 -14.84 14.14 -0.85
CA GLY A 247 -14.87 12.70 -0.84
C GLY A 247 -13.93 12.17 0.24
N GLN A 248 -13.26 11.07 -0.04
CA GLN A 248 -12.31 10.49 0.89
C GLN A 248 -11.09 10.18 0.03
N TRP A 249 -10.03 10.98 0.19
CA TRP A 249 -8.81 10.85 -0.59
C TRP A 249 -8.19 9.46 -0.74
N LEU A 250 -7.99 8.77 0.37
CA LEU A 250 -7.40 7.43 0.32
C LEU A 250 -8.20 6.53 -0.61
N ALA A 251 -9.51 6.50 -0.44
CA ALA A 251 -10.37 5.66 -1.26
C ALA A 251 -10.48 6.10 -2.71
N ASP A 252 -10.79 7.37 -2.94
CA ASP A 252 -10.95 7.88 -4.30
C ASP A 252 -9.66 8.01 -5.12
N VAL A 253 -8.59 8.48 -4.50
CA VAL A 253 -7.32 8.69 -5.21
C VAL A 253 -6.23 7.70 -4.83
N GLY A 254 -6.03 7.48 -3.53
CA GLY A 254 -5.02 6.53 -3.10
C GLY A 254 -3.58 6.95 -3.28
N ILE A 255 -3.31 8.25 -3.35
CA ILE A 255 -1.96 8.75 -3.48
C ILE A 255 -1.67 9.66 -2.30
N PRO A 256 -0.96 9.15 -1.27
CA PRO A 256 -0.66 9.98 -0.10
C PRO A 256 -0.13 11.34 -0.58
N ALA A 257 -0.80 12.42 -0.20
CA ALA A 257 -0.40 13.75 -0.64
C ALA A 257 -0.56 14.85 0.40
N LYS A 258 -0.02 16.02 0.06
CA LYS A 258 -0.09 17.20 0.92
C LYS A 258 -0.01 18.46 0.05
N SER A 259 -0.92 19.39 0.27
CA SER A 259 -0.94 20.62 -0.50
C SER A 259 -0.42 21.80 0.32
N GLY A 260 0.12 22.79 -0.37
CA GLY A 260 0.65 23.98 0.27
C GLY A 260 -0.11 25.19 -0.25
N VAL A 261 -0.42 26.15 0.60
CA VAL A 261 -1.18 27.32 0.18
C VAL A 261 -0.52 28.19 -0.89
N ALA A 262 0.73 27.87 -1.25
CA ALA A 262 1.42 28.64 -2.28
C ALA A 262 1.10 27.99 -3.63
N GLY A 263 0.38 26.86 -3.58
CA GLY A 263 0.00 26.19 -4.81
C GLY A 263 0.69 24.88 -5.14
N GLY A 264 1.62 24.45 -4.30
CA GLY A 264 2.32 23.21 -4.58
C GLY A 264 1.74 21.99 -3.89
N VAL A 265 1.72 20.86 -4.60
CA VAL A 265 1.19 19.62 -4.04
C VAL A 265 2.24 18.50 -4.08
N LEU A 266 2.45 17.85 -2.93
CA LEU A 266 3.41 16.77 -2.79
C LEU A 266 2.73 15.41 -2.91
N GLY A 267 3.38 14.48 -3.60
CA GLY A 267 2.83 13.16 -3.76
C GLY A 267 3.88 12.09 -3.49
N ALA A 268 3.47 11.01 -2.86
CA ALA A 268 4.37 9.92 -2.56
C ALA A 268 3.62 8.59 -2.54
N LEU A 269 3.73 7.84 -3.64
CA LEU A 269 3.07 6.55 -3.77
C LEU A 269 4.14 5.47 -3.60
N PRO A 270 4.16 4.81 -2.44
CA PRO A 270 5.14 3.76 -2.14
C PRO A 270 5.49 2.84 -3.28
N GLY A 271 6.80 2.78 -3.56
CA GLY A 271 7.33 1.92 -4.59
C GLY A 271 7.07 2.29 -6.03
N ARG A 272 6.43 3.43 -6.31
CA ARG A 272 6.16 3.78 -7.70
C ARG A 272 6.44 5.18 -8.22
N VAL A 273 6.14 6.20 -7.44
CA VAL A 273 6.37 7.54 -7.95
C VAL A 273 6.30 8.65 -6.93
N GLY A 274 7.12 9.67 -7.13
CA GLY A 274 7.14 10.85 -6.29
C GLY A 274 6.45 11.91 -7.14
N ILE A 275 5.45 12.61 -6.58
CA ILE A 275 4.72 13.61 -7.34
C ILE A 275 4.83 15.06 -6.87
N GLY A 276 4.99 15.96 -7.83
CA GLY A 276 5.07 17.38 -7.52
C GLY A 276 4.14 18.09 -8.48
N VAL A 277 3.23 18.91 -7.96
CA VAL A 277 2.31 19.66 -8.83
C VAL A 277 2.25 21.11 -8.34
N PHE A 278 2.18 22.04 -9.29
CA PHE A 278 2.15 23.45 -8.92
C PHE A 278 1.10 24.26 -9.67
N SER A 279 0.18 24.84 -8.90
CA SER A 279 -0.90 25.68 -9.43
C SER A 279 -1.34 26.60 -8.30
N PRO A 280 -0.90 27.86 -8.32
CA PRO A 280 -1.18 28.91 -7.34
C PRO A 280 -2.57 29.00 -6.70
N ARG A 281 -3.63 28.97 -7.50
CA ARG A 281 -4.98 29.10 -6.94
C ARG A 281 -5.49 27.92 -6.11
N LEU A 282 -6.20 28.25 -5.04
CA LEU A 282 -6.74 27.25 -4.13
C LEU A 282 -8.25 27.08 -4.26
N ASP A 283 -8.76 25.94 -3.82
CA ASP A 283 -10.19 25.68 -3.85
C ASP A 283 -10.75 26.17 -2.51
N GLU A 284 -12.01 25.86 -2.25
CA GLU A 284 -12.64 26.29 -1.01
C GLU A 284 -11.95 25.77 0.24
N VAL A 285 -11.53 24.51 0.22
CA VAL A 285 -10.88 23.92 1.38
C VAL A 285 -9.44 24.37 1.58
N GLY A 286 -8.89 25.07 0.61
CA GLY A 286 -7.52 25.55 0.73
C GLY A 286 -6.40 24.75 0.08
N ASN A 287 -6.73 23.83 -0.81
CA ASN A 287 -5.69 23.07 -1.51
C ASN A 287 -5.62 23.58 -2.95
N SER A 288 -4.51 23.32 -3.62
CA SER A 288 -4.37 23.75 -5.01
C SER A 288 -5.47 23.08 -5.83
N ALA A 289 -6.25 23.89 -6.54
CA ALA A 289 -7.34 23.37 -7.36
C ALA A 289 -6.83 22.42 -8.44
N ARG A 290 -6.12 22.94 -9.43
CA ARG A 290 -5.61 22.08 -10.51
C ARG A 290 -4.64 21.05 -9.93
N GLY A 291 -3.91 21.45 -8.89
CA GLY A 291 -2.95 20.55 -8.27
C GLY A 291 -3.63 19.29 -7.78
N VAL A 292 -4.77 19.48 -7.12
CA VAL A 292 -5.56 18.38 -6.60
C VAL A 292 -6.19 17.61 -7.75
N LEU A 293 -6.80 18.35 -8.69
CA LEU A 293 -7.45 17.73 -9.83
C LEU A 293 -6.45 16.93 -10.67
N ALA A 294 -5.19 17.34 -10.64
CA ALA A 294 -4.14 16.67 -11.39
C ALA A 294 -3.85 15.31 -10.75
N CYS A 295 -3.79 15.29 -9.42
CA CYS A 295 -3.53 14.05 -8.72
C CYS A 295 -4.65 13.04 -8.99
N ARG A 296 -5.90 13.53 -9.02
CA ARG A 296 -7.04 12.66 -9.27
C ARG A 296 -6.90 12.00 -10.63
N ARG A 297 -6.54 12.79 -11.63
CA ARG A 297 -6.36 12.32 -12.99
C ARG A 297 -5.20 11.32 -13.10
N LEU A 298 -4.10 11.57 -12.40
CA LEU A 298 -2.97 10.66 -12.44
C LEU A 298 -3.40 9.31 -11.87
N SER A 299 -4.20 9.39 -10.81
CA SER A 299 -4.71 8.20 -10.14
C SER A 299 -5.60 7.39 -11.07
N GLU A 300 -6.51 8.08 -11.77
CA GLU A 300 -7.42 7.39 -12.66
C GLU A 300 -6.81 6.97 -13.99
N ASP A 301 -6.08 7.87 -14.64
CA ASP A 301 -5.48 7.58 -15.95
C ASP A 301 -4.45 6.46 -15.91
N PHE A 302 -3.63 6.44 -14.88
CA PHE A 302 -2.59 5.42 -14.76
C PHE A 302 -2.98 4.29 -13.83
N ARG A 303 -4.18 4.38 -13.26
CA ARG A 303 -4.67 3.37 -12.32
C ARG A 303 -3.68 3.13 -11.18
N LEU A 304 -3.29 4.23 -10.54
CA LEU A 304 -2.36 4.19 -9.43
C LEU A 304 -3.12 4.30 -8.12
N HIS A 305 -2.78 3.44 -7.16
CA HIS A 305 -3.45 3.46 -5.87
C HIS A 305 -2.59 2.79 -4.82
N LEU A 306 -2.68 3.25 -3.58
CA LEU A 306 -1.90 2.67 -2.51
C LEU A 306 -2.29 1.21 -2.25
N MET A 307 -3.53 0.86 -2.59
CA MET A 307 -4.05 -0.48 -2.38
C MET A 307 -3.84 -1.52 -3.48
N ASP A 308 -3.34 -1.13 -4.64
CA ASP A 308 -3.14 -2.14 -5.69
C ASP A 308 -1.95 -3.05 -5.36
N GLY A 309 -2.01 -4.30 -5.83
CA GLY A 309 -0.95 -5.25 -5.53
C GLY A 309 0.20 -5.41 -6.51
N ASP A 310 0.99 -4.35 -6.64
CA ASP A 310 2.13 -4.37 -7.55
C ASP A 310 3.35 -4.89 -6.78
N SER A 311 3.39 -6.20 -6.53
CA SER A 311 4.51 -6.79 -5.79
C SER A 311 5.34 -7.76 -6.61
N LEU A 312 6.59 -7.94 -6.21
CA LEU A 312 7.50 -8.84 -6.90
C LEU A 312 6.92 -10.24 -6.85
N GLY A 313 6.56 -10.67 -5.64
CA GLY A 313 5.99 -11.98 -5.46
C GLY A 313 6.80 -13.11 -6.08
N GLY A 314 6.10 -13.99 -6.79
CA GLY A 314 6.74 -15.13 -7.42
C GLY A 314 7.81 -14.76 -8.44
N THR A 315 7.75 -13.54 -8.96
CA THR A 315 8.74 -13.11 -9.93
C THR A 315 10.13 -13.05 -9.29
N ALA A 316 10.18 -13.12 -7.96
CA ALA A 316 11.46 -13.11 -7.25
C ALA A 316 12.28 -14.29 -7.78
N VAL A 317 11.59 -15.32 -8.24
CA VAL A 317 12.23 -16.49 -8.82
C VAL A 317 12.29 -16.27 -10.34
N ARG A 318 13.50 -16.03 -10.85
CA ARG A 318 13.71 -15.79 -12.28
C ARG A 318 13.43 -17.06 -13.09
N PHE A 319 13.91 -18.19 -12.59
CA PHE A 319 13.69 -19.48 -13.23
C PHE A 319 14.26 -20.61 -12.39
N VAL A 320 13.85 -21.83 -12.70
CA VAL A 320 14.33 -23.02 -12.01
C VAL A 320 14.49 -24.11 -13.07
N GLU A 321 15.74 -24.39 -13.42
CA GLU A 321 16.04 -25.39 -14.43
C GLU A 321 16.78 -26.56 -13.77
N ARG A 322 16.82 -27.69 -14.47
CA ARG A 322 17.45 -28.88 -13.92
C ARG A 322 18.29 -29.69 -14.92
N GLU A 323 19.48 -30.10 -14.48
CA GLU A 323 20.38 -30.91 -15.30
C GLU A 323 20.76 -32.17 -14.52
N GLY A 324 20.00 -33.24 -14.71
CA GLY A 324 20.28 -34.49 -14.04
C GLY A 324 20.14 -34.36 -12.53
N ASP A 325 21.27 -34.36 -11.83
CA ASP A 325 21.26 -34.27 -10.39
C ASP A 325 21.25 -32.85 -9.82
N ARG A 326 21.45 -31.83 -10.64
CA ARG A 326 21.43 -30.48 -10.08
C ARG A 326 20.38 -29.54 -10.65
N VAL A 327 20.00 -28.59 -9.81
CA VAL A 327 18.99 -27.60 -10.15
C VAL A 327 19.58 -26.19 -10.06
N PHE A 328 19.25 -25.38 -11.05
CA PHE A 328 19.73 -24.01 -11.07
C PHE A 328 18.56 -23.11 -10.70
N LEU A 329 18.67 -22.48 -9.53
CA LEU A 329 17.62 -21.60 -9.03
C LEU A 329 18.13 -20.16 -8.99
N HIS A 330 17.67 -19.35 -9.95
CA HIS A 330 18.05 -17.96 -10.06
C HIS A 330 16.98 -17.01 -9.52
N LEU A 331 17.41 -16.08 -8.67
CA LEU A 331 16.51 -15.11 -8.06
C LEU A 331 16.73 -13.72 -8.66
N GLN A 332 15.80 -12.79 -8.40
CA GLN A 332 15.92 -11.44 -8.94
C GLN A 332 15.01 -10.42 -8.25
N GLY A 333 15.14 -9.17 -8.65
CA GLY A 333 14.33 -8.09 -8.12
C GLY A 333 14.64 -7.64 -6.70
N VAL A 334 13.73 -6.87 -6.12
CA VAL A 334 13.87 -6.38 -4.76
C VAL A 334 13.09 -7.33 -3.86
N ILE A 335 13.83 -8.19 -3.17
CA ILE A 335 13.27 -9.21 -2.31
C ILE A 335 13.10 -8.81 -0.84
N ARG A 336 11.87 -8.96 -0.35
CA ARG A 336 11.51 -8.70 1.04
C ARG A 336 10.62 -9.88 1.35
N PHE A 337 9.71 -9.75 2.31
CA PHE A 337 8.86 -10.90 2.64
C PHE A 337 8.22 -11.55 1.41
N GLY A 338 7.50 -10.74 0.63
CA GLY A 338 6.84 -11.25 -0.55
C GLY A 338 7.69 -12.17 -1.40
N GLY A 339 8.84 -11.66 -1.83
CA GLY A 339 9.72 -12.46 -2.66
C GLY A 339 10.28 -13.68 -1.95
N ALA A 340 10.67 -13.51 -0.69
CA ALA A 340 11.24 -14.59 0.11
C ALA A 340 10.27 -15.75 0.32
N GLU A 341 9.00 -15.43 0.49
CA GLU A 341 7.98 -16.45 0.67
C GLU A 341 7.95 -17.29 -0.59
N ALA A 342 7.93 -16.60 -1.73
CA ALA A 342 7.89 -17.26 -3.02
C ALA A 342 9.14 -18.13 -3.21
N VAL A 343 10.28 -17.65 -2.73
CA VAL A 343 11.51 -18.42 -2.84
C VAL A 343 11.45 -19.68 -1.98
N LEU A 344 11.03 -19.53 -0.73
CA LEU A 344 10.90 -20.68 0.16
C LEU A 344 9.97 -21.69 -0.50
N ASP A 345 8.94 -21.19 -1.18
CA ASP A 345 7.98 -22.04 -1.87
C ASP A 345 8.65 -22.86 -2.97
N ALA A 346 9.59 -22.26 -3.67
CA ALA A 346 10.30 -22.97 -4.74
C ALA A 346 11.23 -24.03 -4.15
N LEU A 347 11.98 -23.66 -3.11
CA LEU A 347 12.91 -24.58 -2.46
C LEU A 347 12.11 -25.78 -1.95
N THR A 348 11.02 -25.51 -1.25
CA THR A 348 10.19 -26.56 -0.70
C THR A 348 9.58 -27.41 -1.81
N ASP A 349 9.21 -26.77 -2.92
CA ASP A 349 8.60 -27.46 -4.04
C ASP A 349 9.52 -28.51 -4.63
N LEU A 350 10.83 -28.34 -4.46
CA LEU A 350 11.75 -29.35 -4.94
C LEU A 350 11.48 -30.39 -3.85
N ARG A 351 11.07 -31.60 -4.23
CA ARG A 351 10.76 -32.59 -3.20
C ARG A 351 11.96 -33.26 -2.57
N THR A 352 12.96 -32.48 -2.20
CA THR A 352 14.16 -33.04 -1.60
C THR A 352 13.92 -33.65 -0.23
N GLY A 353 12.71 -33.45 0.30
CA GLY A 353 12.39 -34.00 1.61
C GLY A 353 11.94 -35.44 1.52
N ALA A 354 12.16 -36.21 2.59
CA ALA A 354 11.77 -37.62 2.60
C ALA A 354 10.26 -37.75 2.71
N GLU A 355 9.63 -36.79 3.37
CA GLU A 355 8.19 -36.79 3.54
C GLU A 355 7.47 -36.09 2.40
N LYS A 356 6.16 -36.23 2.37
CA LYS A 356 5.34 -35.59 1.37
C LYS A 356 4.69 -34.38 2.04
N PRO A 357 4.74 -33.23 1.37
CA PRO A 357 4.18 -31.95 1.84
C PRO A 357 2.74 -31.98 2.30
N GLY A 358 2.41 -31.08 3.22
CA GLY A 358 1.05 -30.97 3.73
C GLY A 358 0.38 -29.80 3.04
N THR A 359 -0.61 -30.09 2.21
CA THR A 359 -1.33 -29.06 1.46
C THR A 359 -2.13 -28.10 2.33
N GLY A 360 -2.54 -28.55 3.51
CA GLY A 360 -3.31 -27.68 4.39
C GLY A 360 -4.80 -27.77 4.11
N TRP A 361 -5.15 -27.95 2.84
CA TRP A 361 -6.55 -28.07 2.45
C TRP A 361 -6.85 -29.48 1.94
N ASP A 362 -8.11 -29.87 1.99
CA ASP A 362 -8.53 -31.19 1.55
C ASP A 362 -8.93 -31.19 0.08
N ALA A 363 -8.16 -31.90 -0.75
CA ALA A 363 -8.43 -31.97 -2.18
C ALA A 363 -9.86 -32.40 -2.49
N ALA A 364 -10.37 -33.36 -1.73
CA ALA A 364 -11.72 -33.85 -1.93
C ALA A 364 -12.72 -32.76 -1.57
N VAL A 365 -12.28 -31.83 -0.73
CA VAL A 365 -13.13 -30.73 -0.27
C VAL A 365 -13.10 -29.58 -1.27
N TYR A 366 -11.97 -29.38 -1.93
CA TYR A 366 -11.83 -28.31 -2.90
C TYR A 366 -11.42 -28.83 -4.29
N PRO A 367 -12.31 -29.58 -4.95
CA PRO A 367 -11.97 -30.11 -6.28
C PRO A 367 -11.53 -29.01 -7.26
N ARG A 368 -12.11 -27.83 -7.14
CA ARG A 368 -11.77 -26.71 -8.00
C ARG A 368 -10.32 -26.26 -7.82
N TRP A 369 -9.81 -26.38 -6.58
CA TRP A 369 -8.44 -25.99 -6.24
C TRP A 369 -7.41 -26.97 -6.80
N GLN A 370 -7.80 -28.24 -6.91
CA GLN A 370 -6.93 -29.28 -7.44
C GLN A 370 -6.75 -29.10 -8.94
N GLU A 371 -7.87 -28.99 -9.67
CA GLU A 371 -7.83 -28.82 -11.11
C GLU A 371 -6.91 -27.66 -11.49
N ALA A 372 -6.99 -26.58 -10.72
CA ALA A 372 -6.17 -25.40 -10.97
C ALA A 372 -4.69 -25.67 -10.66
N ALA A 373 -4.44 -26.32 -9.54
CA ALA A 373 -3.08 -26.64 -9.14
C ALA A 373 -2.47 -27.65 -10.10
N ALA A 374 -3.31 -28.18 -11.00
CA ALA A 374 -2.86 -29.15 -12.00
C ALA A 374 -2.12 -28.43 -13.11
N ASP A 375 -2.76 -27.40 -13.69
CA ASP A 375 -2.12 -26.63 -14.75
C ASP A 375 -1.31 -25.56 -14.03
N ARG A 376 -0.32 -26.04 -13.29
CA ARG A 376 0.60 -25.23 -12.50
C ARG A 376 1.01 -23.92 -13.16
N ALA A 377 1.35 -23.98 -14.44
CA ALA A 377 1.77 -22.80 -15.19
C ALA A 377 0.66 -21.76 -15.36
N ALA A 378 -0.54 -22.21 -15.69
CA ALA A 378 -1.68 -21.32 -15.88
C ALA A 378 -2.04 -20.62 -14.58
N LEU A 379 -2.07 -21.38 -13.49
CA LEU A 379 -2.37 -20.85 -12.17
C LEU A 379 -1.35 -19.78 -11.78
N SER A 380 -0.09 -20.02 -12.13
CA SER A 380 1.01 -19.11 -11.82
C SER A 380 0.87 -17.76 -12.53
N ALA A 381 0.60 -17.80 -13.84
CA ALA A 381 0.44 -16.59 -14.63
C ALA A 381 -0.79 -15.79 -14.21
N ALA A 382 -1.87 -16.49 -13.90
CA ALA A 382 -3.13 -15.85 -13.49
C ALA A 382 -2.97 -15.23 -12.11
N THR A 383 -2.02 -15.77 -11.34
CA THR A 383 -1.72 -15.31 -10.00
C THR A 383 -0.68 -14.18 -10.02
N GLY A 384 0.52 -14.52 -10.47
CA GLY A 384 1.61 -13.56 -10.52
C GLY A 384 2.79 -14.18 -9.81
N GLY A 385 2.82 -15.52 -9.83
CA GLY A 385 3.87 -16.27 -9.17
C GLY A 385 5.14 -16.47 -9.98
N GLY A 386 5.30 -15.73 -11.07
CA GLY A 386 6.50 -15.84 -11.88
C GLY A 386 6.98 -17.23 -12.22
N ALA A 387 8.18 -17.59 -11.75
CA ALA A 387 8.75 -18.90 -12.05
C ALA A 387 8.74 -19.92 -10.92
N VAL A 388 8.12 -19.61 -9.80
CA VAL A 388 8.06 -20.55 -8.67
C VAL A 388 7.56 -21.94 -9.07
N HIS A 389 6.72 -22.01 -10.10
CA HIS A 389 6.20 -23.30 -10.52
C HIS A 389 7.23 -24.19 -11.19
N GLU A 390 8.28 -23.60 -11.75
CA GLU A 390 9.30 -24.40 -12.41
C GLU A 390 9.99 -25.34 -11.41
N ALA A 391 9.87 -25.03 -10.13
CA ALA A 391 10.47 -25.85 -9.08
C ALA A 391 9.79 -27.23 -9.04
N ALA A 392 8.46 -27.21 -8.93
CA ALA A 392 7.70 -28.46 -8.89
C ALA A 392 7.90 -29.23 -10.20
N ALA A 393 8.10 -28.49 -11.28
CA ALA A 393 8.31 -29.10 -12.59
C ALA A 393 9.63 -29.84 -12.61
N ALA A 394 10.63 -29.27 -11.93
CA ALA A 394 11.96 -29.88 -11.85
C ALA A 394 11.92 -31.14 -10.98
N ALA A 395 11.13 -31.10 -9.92
CA ALA A 395 11.00 -32.26 -9.04
C ALA A 395 10.34 -33.38 -9.82
N ALA A 396 9.32 -33.04 -10.60
CA ALA A 396 8.57 -34.01 -11.39
C ALA A 396 9.49 -34.84 -12.27
N ASN A 400 10.93 -38.57 -11.29
CA ASN A 400 10.76 -39.79 -12.07
C ASN A 400 12.08 -40.52 -12.25
N ASP A 401 13.18 -39.87 -11.87
CA ASP A 401 14.49 -40.48 -12.01
C ASP A 401 15.66 -39.60 -11.54
N GLY A 402 16.18 -39.91 -10.36
CA GLY A 402 17.31 -39.18 -9.83
C GLY A 402 17.01 -38.18 -8.73
N PRO A 403 17.74 -38.25 -7.61
CA PRO A 403 17.55 -37.32 -6.49
C PRO A 403 18.34 -36.04 -6.72
N ILE A 404 17.81 -34.90 -6.29
CA ILE A 404 18.51 -33.64 -6.45
C ILE A 404 19.69 -33.64 -5.47
N ARG A 405 20.90 -33.48 -6.00
CA ARG A 405 22.10 -33.47 -5.18
C ARG A 405 22.70 -32.07 -5.01
N THR A 406 22.51 -31.22 -6.01
CA THR A 406 23.05 -29.87 -5.95
C THR A 406 22.05 -28.82 -6.40
N VAL A 407 22.04 -27.71 -5.68
CA VAL A 407 21.18 -26.59 -6.02
C VAL A 407 22.04 -25.33 -6.08
N VAL A 408 22.03 -24.70 -7.24
CA VAL A 408 22.79 -23.48 -7.42
C VAL A 408 21.86 -22.29 -7.17
N LEU A 409 22.12 -21.56 -6.09
CA LEU A 409 21.28 -20.40 -5.79
C LEU A 409 22.02 -19.15 -6.28
N ASN A 410 21.61 -18.63 -7.42
CA ASN A 410 22.24 -17.44 -8.00
C ASN A 410 21.44 -16.17 -7.69
N LEU A 411 22.13 -15.18 -7.13
CA LEU A 411 21.50 -13.91 -6.75
C LEU A 411 21.97 -12.70 -7.58
N ALA A 412 22.80 -12.93 -8.58
CA ALA A 412 23.33 -11.84 -9.40
C ALA A 412 22.26 -10.87 -9.89
N ARG A 413 21.08 -11.39 -10.22
CA ARG A 413 19.99 -10.56 -10.71
C ARG A 413 19.19 -9.92 -9.58
N VAL A 414 19.53 -10.23 -8.34
CA VAL A 414 18.84 -9.65 -7.19
C VAL A 414 19.38 -8.23 -7.00
N ASP A 415 18.48 -7.25 -6.95
CA ASP A 415 18.89 -5.87 -6.73
C ASP A 415 19.26 -5.65 -5.28
N ARG A 416 18.40 -6.10 -4.38
CA ARG A 416 18.66 -6.00 -2.95
C ARG A 416 17.65 -6.85 -2.18
N ILE A 417 18.03 -7.21 -0.96
CA ILE A 417 17.20 -8.04 -0.11
C ILE A 417 17.21 -7.43 1.29
N ASP A 418 16.06 -7.45 1.97
CA ASP A 418 15.98 -6.90 3.31
C ASP A 418 16.27 -8.02 4.32
N ASP A 419 16.58 -7.65 5.55
CA ASP A 419 16.90 -8.64 6.56
C ASP A 419 15.89 -9.77 6.70
N VAL A 420 14.61 -9.43 6.58
CA VAL A 420 13.57 -10.45 6.69
C VAL A 420 13.75 -11.55 5.64
N GLY A 421 13.95 -11.16 4.38
CA GLY A 421 14.13 -12.13 3.32
C GLY A 421 15.49 -12.79 3.40
N ARG A 422 16.46 -12.02 3.87
CA ARG A 422 17.83 -12.46 4.04
C ARG A 422 17.85 -13.56 5.11
N ARG A 423 16.99 -13.41 6.12
CA ARG A 423 16.87 -14.38 7.19
C ARG A 423 16.13 -15.62 6.71
N LEU A 424 15.02 -15.41 6.00
CA LEU A 424 14.23 -16.52 5.51
C LEU A 424 15.02 -17.40 4.53
N ILE A 425 15.61 -16.78 3.51
CA ILE A 425 16.38 -17.54 2.53
C ILE A 425 17.49 -18.33 3.21
N ALA A 426 18.19 -17.69 4.15
CA ALA A 426 19.28 -18.34 4.87
C ALA A 426 18.80 -19.60 5.59
N GLU A 427 17.59 -19.52 6.15
CA GLU A 427 16.99 -20.63 6.87
C GLU A 427 16.56 -21.73 5.89
N GLY A 428 16.03 -21.32 4.74
CA GLY A 428 15.61 -22.28 3.73
C GLY A 428 16.79 -23.03 3.16
N VAL A 429 17.94 -22.37 3.08
CA VAL A 429 19.17 -22.96 2.57
C VAL A 429 19.70 -23.97 3.58
N ARG A 430 19.62 -23.63 4.86
CA ARG A 430 20.08 -24.52 5.92
C ARG A 430 19.28 -25.81 5.90
N ARG A 431 17.96 -25.68 5.72
CA ARG A 431 17.07 -26.83 5.68
C ARG A 431 17.33 -27.69 4.46
N LEU A 432 17.74 -27.07 3.36
CA LEU A 432 18.03 -27.79 2.14
C LEU A 432 19.24 -28.70 2.40
N GLN A 433 20.24 -28.14 3.06
CA GLN A 433 21.46 -28.87 3.39
C GLN A 433 21.16 -29.94 4.43
N ALA A 434 20.18 -29.67 5.29
CA ALA A 434 19.80 -30.64 6.32
C ALA A 434 19.21 -31.86 5.62
N ASP A 435 18.80 -31.69 4.36
CA ASP A 435 18.25 -32.78 3.57
C ASP A 435 19.37 -33.55 2.87
N GLY A 436 20.56 -32.98 2.91
CA GLY A 436 21.69 -33.62 2.27
C GLY A 436 21.92 -33.07 0.87
N VAL A 437 21.33 -31.92 0.58
CA VAL A 437 21.48 -31.27 -0.72
C VAL A 437 22.60 -30.22 -0.66
N ARG A 438 23.53 -30.33 -1.59
CA ARG A 438 24.64 -29.40 -1.67
C ARG A 438 24.12 -28.08 -2.22
N VAL A 439 24.40 -26.97 -1.53
CA VAL A 439 23.95 -25.67 -2.00
C VAL A 439 25.11 -24.71 -2.22
N GLU A 440 25.30 -24.30 -3.47
CA GLU A 440 26.36 -23.35 -3.74
C GLU A 440 25.74 -22.03 -4.15
N VAL A 441 25.91 -21.04 -3.29
CA VAL A 441 25.36 -19.71 -3.47
C VAL A 441 26.28 -18.79 -4.29
N GLU A 442 25.85 -18.47 -5.50
CA GLU A 442 26.59 -17.58 -6.38
C GLU A 442 26.09 -16.18 -6.06
N ASP A 443 26.81 -15.52 -5.16
CA ASP A 443 26.46 -14.20 -4.69
C ASP A 443 27.63 -13.23 -4.91
N PRO A 444 27.81 -12.75 -6.15
CA PRO A 444 28.88 -11.83 -6.51
C PRO A 444 28.95 -10.54 -5.70
N GLU A 445 27.80 -9.92 -5.46
CA GLU A 445 27.75 -8.67 -4.72
C GLU A 445 27.55 -8.86 -3.22
N ARG A 446 27.79 -10.08 -2.75
CA ARG A 446 27.61 -10.41 -1.33
C ARG A 446 26.47 -9.62 -0.72
N ILE A 447 25.24 -10.04 -0.99
CA ILE A 447 24.07 -9.36 -0.45
C ILE A 447 23.34 -10.26 0.53
N LEU A 448 23.71 -11.54 0.54
CA LEU A 448 23.05 -12.48 1.43
C LEU A 448 23.43 -12.37 2.90
N PRO A 449 24.72 -12.29 3.22
CA PRO A 449 25.18 -12.20 4.61
C PRO A 449 24.64 -11.05 5.49
N LEU A 450 24.71 -11.27 6.79
CA LEU A 450 24.26 -10.33 7.84
C LEU A 450 22.76 -10.41 8.14
N MET B 1 12.74 -30.76 3.24
CA MET B 1 12.83 -29.55 4.10
C MET B 1 11.43 -29.02 4.35
N ARG B 2 11.12 -28.74 5.61
CA ARG B 2 9.81 -28.19 5.94
C ARG B 2 9.84 -26.68 5.76
N HIS B 3 8.73 -26.13 5.26
CA HIS B 3 8.62 -24.70 5.02
C HIS B 3 8.80 -23.95 6.34
N PRO B 4 9.72 -22.98 6.39
CA PRO B 4 9.94 -22.22 7.62
C PRO B 4 8.82 -21.28 8.10
N ILE B 5 7.94 -20.83 7.20
CA ILE B 5 6.86 -19.93 7.60
C ILE B 5 5.93 -20.56 8.63
N PRO B 6 5.45 -21.78 8.38
CA PRO B 6 4.54 -22.45 9.32
C PRO B 6 5.16 -22.71 10.70
N ASP B 7 6.48 -22.88 10.73
CA ASP B 7 7.18 -23.12 11.99
C ASP B 7 7.23 -21.83 12.80
N TYR B 8 7.31 -20.70 12.10
CA TYR B 8 7.34 -19.40 12.77
C TYR B 8 5.98 -19.18 13.44
N LEU B 9 4.91 -19.43 12.67
CA LEU B 9 3.55 -19.26 13.16
C LEU B 9 3.26 -20.14 14.38
N ALA B 10 3.74 -21.38 14.33
CA ALA B 10 3.51 -22.31 15.44
C ALA B 10 4.22 -21.81 16.68
N SER B 11 5.44 -21.31 16.47
CA SER B 11 6.24 -20.78 17.55
C SER B 11 5.54 -19.55 18.11
N LEU B 12 5.00 -18.71 17.21
CA LEU B 12 4.30 -17.49 17.60
C LEU B 12 3.07 -17.82 18.45
N VAL B 13 2.32 -18.82 17.99
CA VAL B 13 1.13 -19.28 18.67
C VAL B 13 1.51 -19.77 20.06
N THR B 14 2.58 -20.55 20.13
CA THR B 14 3.05 -21.09 21.41
C THR B 14 3.49 -19.97 22.35
N GLU B 15 4.21 -18.99 21.80
CA GLU B 15 4.68 -17.87 22.60
C GLU B 15 3.53 -17.04 23.14
N LEU B 16 2.76 -16.45 22.23
CA LEU B 16 1.63 -15.60 22.63
C LEU B 16 0.54 -16.40 23.31
N GLY B 17 0.54 -17.71 23.11
CA GLY B 17 -0.46 -18.57 23.72
C GLY B 17 -0.19 -18.89 25.17
N ALA B 18 0.94 -18.42 25.69
CA ALA B 18 1.31 -18.63 27.08
C ALA B 18 0.39 -17.89 28.03
N VAL B 19 -0.34 -16.90 27.51
CA VAL B 19 -1.30 -16.13 28.31
C VAL B 19 -2.59 -16.00 27.54
N ASN B 20 -3.64 -15.53 28.22
CA ASN B 20 -4.94 -15.38 27.58
C ASN B 20 -5.76 -14.28 28.23
N PRO B 21 -5.28 -13.03 28.19
CA PRO B 21 -5.97 -11.88 28.77
C PRO B 21 -7.32 -11.56 28.15
N GLY B 22 -8.11 -10.77 28.88
CA GLY B 22 -9.42 -10.38 28.39
C GLY B 22 -10.52 -11.40 28.65
N GLU B 23 -11.66 -11.21 27.99
CA GLU B 23 -12.76 -12.13 28.16
C GLU B 23 -13.61 -12.23 26.90
N THR B 24 -14.30 -13.35 26.74
CA THR B 24 -15.15 -13.56 25.58
C THR B 24 -16.26 -12.55 25.57
N ALA B 25 -16.89 -12.37 24.42
CA ALA B 25 -17.99 -11.42 24.30
C ALA B 25 -19.08 -11.88 25.25
N GLN B 26 -19.64 -10.94 26.01
CA GLN B 26 -20.69 -11.26 26.96
C GLN B 26 -22.11 -11.02 26.44
N TYR B 27 -22.23 -10.17 25.43
CA TYR B 27 -23.53 -9.82 24.86
C TYR B 27 -24.49 -10.99 24.63
N ILE B 28 -23.95 -12.18 24.35
CA ILE B 28 -24.78 -13.38 24.19
C ILE B 28 -24.09 -14.58 24.79
N PRO B 29 -24.86 -15.42 25.51
CA PRO B 29 -24.35 -16.61 26.17
C PRO B 29 -23.61 -17.58 25.26
N VAL B 30 -24.14 -17.81 24.06
CA VAL B 30 -23.51 -18.74 23.15
C VAL B 30 -22.06 -18.35 22.85
N LEU B 31 -21.76 -17.06 22.92
CA LEU B 31 -20.40 -16.59 22.68
C LEU B 31 -19.61 -16.47 23.99
N ALA B 32 -20.31 -16.15 25.06
CA ALA B 32 -19.67 -16.01 26.37
C ALA B 32 -19.23 -17.37 26.91
N GLU B 33 -20.05 -18.38 26.68
CA GLU B 33 -19.75 -19.71 27.17
C GLU B 33 -18.62 -20.32 26.35
N ALA B 34 -18.36 -19.73 25.20
CA ALA B 34 -17.33 -20.22 24.31
C ALA B 34 -16.02 -20.60 25.01
N ASP B 35 -15.47 -21.74 24.62
CA ASP B 35 -14.21 -22.20 25.18
C ASP B 35 -13.16 -21.16 24.79
N PRO B 36 -12.49 -20.54 25.79
CA PRO B 36 -11.48 -19.53 25.53
C PRO B 36 -10.12 -20.11 25.16
N ASP B 37 -9.89 -21.37 25.52
CA ASP B 37 -8.61 -22.03 25.24
C ASP B 37 -8.42 -22.44 23.78
N ARG B 38 -8.38 -21.47 22.89
CA ARG B 38 -8.19 -21.73 21.47
C ARG B 38 -7.35 -20.61 20.87
N PHE B 39 -6.51 -20.96 19.91
CA PHE B 39 -5.65 -19.99 19.27
C PHE B 39 -5.14 -20.56 17.95
N GLY B 40 -5.50 -19.90 16.86
CA GLY B 40 -5.08 -20.37 15.55
C GLY B 40 -4.75 -19.20 14.65
N ILE B 41 -3.99 -19.46 13.60
CA ILE B 41 -3.59 -18.43 12.66
C ILE B 41 -3.26 -19.06 11.31
N ALA B 42 -3.54 -18.32 10.23
CA ALA B 42 -3.28 -18.82 8.90
C ALA B 42 -2.90 -17.70 7.93
N LEU B 43 -2.06 -18.04 6.96
CA LEU B 43 -1.63 -17.08 5.95
C LEU B 43 -1.93 -17.61 4.56
N ALA B 44 -2.70 -16.84 3.79
CA ALA B 44 -3.03 -17.23 2.42
C ALA B 44 -2.20 -16.31 1.53
N THR B 45 -1.42 -16.90 0.65
CA THR B 45 -0.54 -16.13 -0.23
C THR B 45 -0.97 -16.16 -1.69
N PRO B 46 -0.53 -15.15 -2.46
CA PRO B 46 -0.90 -15.13 -3.87
C PRO B 46 -0.31 -16.37 -4.54
N THR B 47 0.76 -16.91 -3.94
CA THR B 47 1.42 -18.09 -4.48
C THR B 47 0.61 -19.37 -4.19
N GLY B 48 -0.67 -19.21 -3.89
CA GLY B 48 -1.55 -20.33 -3.63
C GLY B 48 -1.22 -21.19 -2.43
N ARG B 49 -0.46 -20.66 -1.46
CA ARG B 49 -0.13 -21.43 -0.26
C ARG B 49 -1.00 -21.06 0.91
N LEU B 50 -0.96 -21.89 1.95
CA LEU B 50 -1.75 -21.64 3.14
C LEU B 50 -0.95 -22.12 4.36
N HIS B 51 -0.04 -21.26 4.82
CA HIS B 51 0.79 -21.55 5.97
C HIS B 51 -0.05 -21.38 7.24
N CYS B 52 -0.13 -22.42 8.07
CA CYS B 52 -0.96 -22.37 9.27
C CYS B 52 -0.29 -22.86 10.54
N ALA B 53 -1.03 -22.75 11.64
CA ALA B 53 -0.58 -23.18 12.95
C ALA B 53 -1.70 -23.03 13.97
N GLY B 54 -1.65 -23.84 15.02
CA GLY B 54 -2.66 -23.79 16.07
C GLY B 54 -4.06 -24.19 15.61
N ASP B 55 -5.05 -23.84 16.42
CA ASP B 55 -6.43 -24.15 16.12
C ASP B 55 -6.89 -23.34 14.92
N ALA B 56 -6.40 -23.72 13.75
CA ALA B 56 -6.73 -23.02 12.52
C ALA B 56 -7.85 -23.68 11.74
N ASP B 57 -8.35 -24.78 12.25
CA ASP B 57 -9.41 -25.51 11.56
C ASP B 57 -10.72 -25.51 12.34
N VAL B 58 -10.78 -24.68 13.37
CA VAL B 58 -11.96 -24.58 14.21
C VAL B 58 -12.90 -23.48 13.70
N GLU B 59 -14.16 -23.84 13.49
CA GLU B 59 -15.14 -22.86 13.01
C GLU B 59 -15.58 -21.91 14.11
N PHE B 60 -16.04 -20.74 13.69
CA PHE B 60 -16.52 -19.71 14.62
C PHE B 60 -17.27 -18.68 13.77
N THR B 61 -18.27 -18.03 14.36
CA THR B 61 -19.03 -17.04 13.61
C THR B 61 -18.08 -15.90 13.22
N ILE B 62 -18.17 -15.48 11.96
CA ILE B 62 -17.31 -14.42 11.45
C ILE B 62 -17.67 -13.03 11.97
N GLN B 63 -18.89 -12.87 12.46
CA GLN B 63 -19.37 -11.60 12.97
C GLN B 63 -19.07 -10.45 12.00
N SER B 64 -18.71 -9.28 12.52
CA SER B 64 -18.45 -8.11 11.67
C SER B 64 -17.26 -8.24 10.69
N ALA B 65 -16.51 -9.32 10.78
CA ALA B 65 -15.41 -9.51 9.84
C ALA B 65 -16.06 -9.79 8.47
N SER B 66 -17.37 -9.99 8.49
CA SER B 66 -18.11 -10.27 7.27
C SER B 66 -18.46 -8.98 6.53
N LYS B 67 -18.39 -7.85 7.24
CA LYS B 67 -18.72 -6.56 6.66
C LYS B 67 -18.03 -6.22 5.34
N PRO B 68 -16.71 -6.48 5.25
CA PRO B 68 -16.03 -6.15 3.99
C PRO B 68 -16.46 -6.95 2.76
N PHE B 69 -16.94 -8.17 2.97
CA PHE B 69 -17.37 -9.00 1.85
C PHE B 69 -18.78 -8.65 1.37
N THR B 70 -19.72 -8.44 2.30
CA THR B 70 -21.07 -8.06 1.88
C THR B 70 -20.97 -6.70 1.20
N TYR B 71 -19.97 -5.92 1.60
CA TYR B 71 -19.76 -4.61 1.02
C TYR B 71 -19.36 -4.83 -0.43
N ALA B 72 -18.41 -5.73 -0.64
CA ALA B 72 -17.96 -6.04 -1.99
C ALA B 72 -19.13 -6.50 -2.85
N ALA B 73 -19.94 -7.39 -2.30
CA ALA B 73 -21.11 -7.91 -3.00
C ALA B 73 -22.03 -6.77 -3.45
N ALA B 74 -22.36 -5.89 -2.51
CA ALA B 74 -23.24 -4.78 -2.79
C ALA B 74 -22.72 -3.93 -3.95
N LEU B 75 -21.41 -3.66 -3.93
CA LEU B 75 -20.81 -2.86 -4.98
C LEU B 75 -20.94 -3.58 -6.31
N VAL B 76 -20.76 -4.90 -6.29
CA VAL B 76 -20.87 -5.70 -7.49
C VAL B 76 -22.32 -5.76 -7.96
N ASP B 77 -23.25 -5.91 -7.02
CA ASP B 77 -24.64 -6.00 -7.41
C ASP B 77 -25.30 -4.69 -7.85
N ARG B 78 -24.93 -3.58 -7.23
CA ARG B 78 -25.58 -2.32 -7.57
C ARG B 78 -24.72 -1.23 -8.21
N GLY B 79 -23.41 -1.39 -8.17
CA GLY B 79 -22.54 -0.36 -8.73
C GLY B 79 -22.20 0.69 -7.69
N PHE B 80 -21.08 1.39 -7.89
CA PHE B 80 -20.65 2.40 -6.93
C PHE B 80 -21.62 3.53 -6.61
N ALA B 81 -22.34 4.04 -7.60
CA ALA B 81 -23.26 5.15 -7.33
C ALA B 81 -24.37 4.78 -6.36
N ALA B 82 -24.95 3.60 -6.53
CA ALA B 82 -26.03 3.13 -5.66
C ALA B 82 -25.57 2.89 -4.23
N VAL B 83 -24.38 2.32 -4.07
CA VAL B 83 -23.88 2.04 -2.73
C VAL B 83 -23.42 3.30 -1.99
N ASP B 84 -22.69 4.16 -2.69
CA ASP B 84 -22.18 5.38 -2.08
C ASP B 84 -23.28 6.35 -1.69
N ARG B 85 -24.46 6.18 -2.27
CA ARG B 85 -25.58 7.05 -1.95
C ARG B 85 -26.09 6.71 -0.55
N GLN B 86 -25.93 5.44 -0.16
CA GLN B 86 -26.39 5.00 1.15
C GLN B 86 -25.27 4.84 2.17
N VAL B 87 -24.07 4.53 1.69
CA VAL B 87 -22.91 4.30 2.57
C VAL B 87 -21.79 5.28 2.29
N GLY B 88 -21.32 5.96 3.35
CA GLY B 88 -20.26 6.93 3.19
C GLY B 88 -18.88 6.30 3.19
N LEU B 89 -17.84 7.14 3.19
CA LEU B 89 -16.46 6.67 3.21
C LEU B 89 -15.71 7.34 4.35
N ASN B 90 -16.45 8.06 5.18
CA ASN B 90 -15.87 8.78 6.30
C ASN B 90 -15.42 7.88 7.46
N PRO B 91 -14.11 7.86 7.74
CA PRO B 91 -13.63 7.02 8.84
C PRO B 91 -14.35 7.35 10.14
N SER B 92 -14.67 6.33 10.91
CA SER B 92 -15.39 6.54 12.16
C SER B 92 -15.45 5.30 13.05
N GLY B 93 -15.75 5.54 14.34
CA GLY B 93 -15.88 4.47 15.31
C GLY B 93 -17.35 4.08 15.40
N GLU B 94 -17.64 2.97 16.06
CA GLU B 94 -19.00 2.45 16.19
C GLU B 94 -20.05 3.37 16.85
N ALA B 95 -19.64 4.21 17.80
CA ALA B 95 -20.59 5.11 18.47
C ALA B 95 -21.44 5.92 17.48
N PHE B 96 -22.76 5.89 17.65
CA PHE B 96 -23.66 6.59 16.72
C PHE B 96 -23.95 8.05 17.05
N ASN B 97 -23.85 8.89 16.02
CA ASN B 97 -24.13 10.31 16.14
C ASN B 97 -25.07 10.65 14.99
N GLU B 98 -26.30 11.06 15.32
CA GLU B 98 -27.28 11.38 14.31
C GLU B 98 -26.88 12.47 13.32
N LEU B 99 -25.95 13.35 13.70
CA LEU B 99 -25.53 14.41 12.79
C LEU B 99 -24.97 13.87 11.49
N SER B 100 -24.54 12.61 11.48
CA SER B 100 -23.99 12.02 10.26
C SER B 100 -25.10 11.79 9.23
N LEU B 101 -26.34 11.81 9.70
CA LEU B 101 -27.48 11.60 8.80
C LEU B 101 -28.26 12.89 8.60
N GLU B 102 -28.41 13.65 9.68
CA GLU B 102 -29.14 14.90 9.65
C GLU B 102 -28.36 15.99 8.93
N ALA B 103 -27.04 15.93 9.04
CA ALA B 103 -26.17 16.90 8.41
C ALA B 103 -24.99 16.15 7.79
N GLU B 104 -23.82 16.79 7.76
CA GLU B 104 -22.64 16.17 7.19
C GLU B 104 -22.92 15.58 5.82
N SER B 105 -22.61 14.30 5.61
CA SER B 105 -22.83 13.67 4.31
C SER B 105 -24.22 13.03 4.15
N HIS B 106 -25.01 13.09 5.22
CA HIS B 106 -26.37 12.56 5.21
C HIS B 106 -26.50 11.06 4.96
N ARG B 107 -25.59 10.28 5.52
CA ARG B 107 -25.64 8.84 5.38
C ARG B 107 -24.67 8.22 6.37
N PRO B 108 -24.85 6.92 6.69
CA PRO B 108 -23.92 6.32 7.64
C PRO B 108 -22.48 6.55 7.17
N ASP B 109 -21.56 6.74 8.10
CA ASP B 109 -20.16 7.02 7.79
C ASP B 109 -19.39 6.06 6.88
N ASN B 110 -19.46 4.76 7.16
CA ASN B 110 -18.75 3.79 6.37
C ASN B 110 -19.29 2.40 6.63
N ALA B 111 -18.87 1.44 5.79
CA ALA B 111 -19.36 0.06 5.87
C ALA B 111 -18.77 -0.80 6.98
N MET B 112 -17.83 -0.28 7.75
CA MET B 112 -17.22 -1.08 8.81
C MET B 112 -18.00 -0.97 10.10
N ILE B 113 -18.79 0.09 10.22
CA ILE B 113 -19.62 0.31 11.40
C ILE B 113 -21.02 -0.26 11.16
N ASN B 114 -21.64 -0.75 12.22
CA ASN B 114 -22.98 -1.34 12.15
C ASN B 114 -24.00 -0.58 11.28
N ALA B 115 -24.08 0.73 11.42
CA ALA B 115 -25.04 1.50 10.62
C ALA B 115 -24.77 1.27 9.15
N GLY B 116 -23.49 1.31 8.76
CA GLY B 116 -23.14 1.11 7.37
C GLY B 116 -23.43 -0.32 6.93
N ALA B 117 -23.05 -1.27 7.77
CA ALA B 117 -23.25 -2.69 7.51
C ALA B 117 -24.72 -2.98 7.24
N LEU B 118 -25.59 -2.34 8.02
CA LEU B 118 -27.02 -2.52 7.85
C LEU B 118 -27.44 -2.02 6.47
N ALA B 119 -27.00 -0.82 6.12
CA ALA B 119 -27.33 -0.23 4.82
C ALA B 119 -26.81 -1.10 3.67
N VAL B 120 -25.64 -1.70 3.89
CA VAL B 120 -25.04 -2.56 2.88
C VAL B 120 -25.88 -3.80 2.61
N HIS B 121 -26.33 -4.46 3.67
CA HIS B 121 -27.14 -5.67 3.54
C HIS B 121 -28.42 -5.34 2.79
N GLN B 122 -28.99 -4.18 3.11
CA GLN B 122 -30.21 -3.69 2.48
C GLN B 122 -30.02 -3.55 0.96
N LEU B 123 -28.79 -3.28 0.57
CA LEU B 123 -28.42 -3.07 -0.82
C LEU B 123 -28.11 -4.32 -1.64
N LEU B 124 -27.68 -5.37 -0.95
CA LEU B 124 -27.22 -6.62 -1.58
C LEU B 124 -27.59 -7.09 -2.99
N VAL B 125 -28.74 -7.71 -3.19
CA VAL B 125 -29.09 -8.19 -4.52
C VAL B 125 -29.65 -7.13 -5.48
N GLY B 126 -30.62 -6.35 -5.02
CA GLY B 126 -31.21 -5.33 -5.87
C GLY B 126 -32.26 -4.53 -5.14
N PRO B 127 -32.91 -3.55 -5.80
CA PRO B 127 -33.95 -2.70 -5.22
C PRO B 127 -35.17 -3.43 -4.68
N GLU B 128 -35.46 -4.60 -5.24
CA GLU B 128 -36.63 -5.34 -4.79
C GLU B 128 -36.36 -6.81 -4.47
N ALA B 129 -35.14 -7.10 -4.03
CA ALA B 129 -34.78 -8.46 -3.68
C ALA B 129 -35.50 -8.83 -2.38
N SER B 130 -35.70 -10.11 -2.14
CA SER B 130 -36.38 -10.54 -0.93
C SER B 130 -35.40 -10.76 0.24
N ARG B 131 -35.95 -10.91 1.44
CA ARG B 131 -35.15 -11.13 2.63
C ARG B 131 -34.22 -12.32 2.47
N LYS B 132 -34.75 -13.42 1.92
CA LYS B 132 -33.97 -14.63 1.70
C LYS B 132 -32.92 -14.47 0.62
N GLU B 133 -33.30 -13.80 -0.47
CA GLU B 133 -32.37 -13.56 -1.56
C GLU B 133 -31.13 -12.83 -1.06
N ARG B 134 -31.34 -11.80 -0.23
CA ARG B 134 -30.23 -11.02 0.29
C ARG B 134 -29.32 -11.84 1.22
N LEU B 135 -29.89 -12.70 2.05
CA LEU B 135 -29.07 -13.51 2.94
C LEU B 135 -28.28 -14.51 2.10
N ASP B 136 -28.96 -15.16 1.16
CA ASP B 136 -28.30 -16.13 0.30
C ASP B 136 -27.11 -15.44 -0.35
N ARG B 137 -27.29 -14.18 -0.72
CA ARG B 137 -26.23 -13.41 -1.35
C ARG B 137 -25.06 -13.16 -0.41
N ALA B 138 -25.36 -12.80 0.83
CA ALA B 138 -24.32 -12.55 1.83
C ALA B 138 -23.56 -13.84 2.09
N VAL B 139 -24.29 -14.94 2.17
CA VAL B 139 -23.67 -16.23 2.41
C VAL B 139 -22.88 -16.64 1.16
N GLU B 140 -23.40 -16.27 -0.01
CA GLU B 140 -22.73 -16.63 -1.25
C GLU B 140 -21.37 -15.97 -1.48
N ILE B 141 -21.30 -14.65 -1.34
CA ILE B 141 -20.03 -13.95 -1.56
C ILE B 141 -18.93 -14.46 -0.64
N MET B 142 -19.24 -14.59 0.64
CA MET B 142 -18.27 -15.10 1.60
C MET B 142 -17.88 -16.53 1.23
N SER B 143 -18.82 -17.27 0.65
CA SER B 143 -18.57 -18.65 0.25
C SER B 143 -17.70 -18.73 -0.99
N LEU B 144 -17.97 -17.87 -1.95
CA LEU B 144 -17.20 -17.86 -3.19
C LEU B 144 -15.74 -17.49 -2.92
N LEU B 145 -15.51 -16.54 -2.03
CA LEU B 145 -14.15 -16.14 -1.72
C LEU B 145 -13.46 -17.19 -0.85
N ALA B 146 -14.21 -17.77 0.09
CA ALA B 146 -13.66 -18.80 0.95
C ALA B 146 -13.31 -20.04 0.12
N GLY B 147 -14.11 -20.28 -0.92
CA GLY B 147 -13.88 -21.43 -1.77
C GLY B 147 -14.70 -22.65 -1.41
N ARG B 148 -15.65 -22.49 -0.49
CA ARG B 148 -16.50 -23.59 -0.06
C ARG B 148 -17.81 -23.03 0.50
N ARG B 149 -18.86 -23.86 0.50
CA ARG B 149 -20.15 -23.43 1.03
C ARG B 149 -20.08 -23.28 2.53
N LEU B 150 -20.37 -22.07 2.99
CA LEU B 150 -20.34 -21.77 4.41
C LEU B 150 -21.75 -21.83 4.95
N SER B 151 -21.86 -22.07 6.26
CA SER B 151 -23.16 -22.15 6.90
C SER B 151 -23.33 -21.15 8.03
N VAL B 152 -24.59 -20.88 8.34
CA VAL B 152 -24.97 -19.98 9.41
C VAL B 152 -25.14 -20.78 10.70
N ASP B 153 -24.56 -20.30 11.79
CA ASP B 153 -24.73 -21.00 13.06
C ASP B 153 -25.99 -20.38 13.68
N TRP B 154 -27.12 -21.00 13.39
CA TRP B 154 -28.39 -20.51 13.87
C TRP B 154 -28.50 -20.44 15.39
N GLU B 155 -27.76 -21.29 16.09
CA GLU B 155 -27.81 -21.23 17.54
C GLU B 155 -27.40 -19.80 17.93
N THR B 156 -26.30 -19.35 17.34
CA THR B 156 -25.77 -18.02 17.59
C THR B 156 -26.75 -16.96 17.10
N TYR B 157 -27.30 -17.18 15.92
CA TYR B 157 -28.28 -16.27 15.33
C TYR B 157 -29.40 -15.94 16.32
N GLU B 158 -30.10 -16.97 16.78
CA GLU B 158 -31.20 -16.78 17.73
C GLU B 158 -30.73 -16.03 18.98
N SER B 159 -29.65 -16.53 19.56
CA SER B 159 -29.07 -15.95 20.75
C SER B 159 -28.95 -14.43 20.60
N GLU B 160 -28.34 -13.99 19.50
CA GLU B 160 -28.14 -12.56 19.26
C GLU B 160 -29.42 -11.77 18.91
N MET B 161 -30.33 -12.41 18.18
CA MET B 161 -31.58 -11.76 17.78
C MET B 161 -32.45 -11.36 18.96
N ALA B 162 -32.22 -12.00 20.11
CA ALA B 162 -33.01 -11.72 21.30
C ALA B 162 -32.49 -10.50 22.03
N VAL B 163 -31.27 -10.08 21.68
CA VAL B 163 -30.66 -8.92 22.31
C VAL B 163 -30.10 -7.96 21.27
N SER B 164 -30.90 -7.62 20.27
CA SER B 164 -30.45 -6.72 19.22
C SER B 164 -31.13 -5.34 19.22
N ASP B 165 -31.46 -4.81 20.39
CA ASP B 165 -32.11 -3.51 20.44
C ASP B 165 -31.25 -2.43 19.77
N ARG B 166 -29.96 -2.40 20.07
CA ARG B 166 -29.08 -1.39 19.50
C ARG B 166 -29.10 -1.38 17.97
N ASN B 167 -28.94 -2.56 17.36
CA ASN B 167 -28.95 -2.64 15.91
C ASN B 167 -30.33 -2.27 15.36
N LEU B 168 -31.39 -2.66 16.07
CA LEU B 168 -32.73 -2.30 15.64
C LEU B 168 -32.82 -0.76 15.63
N SER B 169 -32.27 -0.15 16.68
CA SER B 169 -32.26 1.31 16.82
C SER B 169 -31.61 1.98 15.61
N LEU B 170 -30.43 1.50 15.23
CA LEU B 170 -29.72 2.06 14.08
C LEU B 170 -30.55 1.85 12.82
N ALA B 171 -31.10 0.65 12.67
CA ALA B 171 -31.93 0.31 11.52
C ALA B 171 -33.13 1.25 11.40
N HIS B 172 -33.81 1.49 12.52
CA HIS B 172 -34.97 2.37 12.54
C HIS B 172 -34.57 3.79 12.19
N MET B 173 -33.40 4.22 12.67
CA MET B 173 -32.93 5.57 12.41
C MET B 173 -32.63 5.70 10.91
N LEU B 174 -31.98 4.70 10.34
CA LEU B 174 -31.65 4.73 8.93
C LEU B 174 -32.93 4.84 8.12
N ARG B 175 -33.93 4.02 8.43
CA ARG B 175 -35.20 4.07 7.72
C ARG B 175 -35.70 5.51 7.70
N SER B 176 -35.60 6.15 8.86
CA SER B 176 -36.04 7.53 9.05
C SER B 176 -35.46 8.47 8.01
N TYR B 177 -34.21 8.25 7.61
CA TYR B 177 -33.57 9.10 6.62
C TYR B 177 -33.55 8.50 5.21
N GLY B 178 -34.35 7.46 4.98
CA GLY B 178 -34.42 6.82 3.69
C GLY B 178 -33.34 5.80 3.33
N VAL B 179 -32.36 5.60 4.19
CA VAL B 179 -31.29 4.65 3.89
C VAL B 179 -31.77 3.20 3.83
N LEU B 180 -32.80 2.87 4.61
CA LEU B 180 -33.38 1.53 4.57
C LEU B 180 -34.83 1.65 4.12
N GLN B 181 -35.23 0.82 3.17
CA GLN B 181 -36.59 0.85 2.68
C GLN B 181 -37.42 -0.26 3.34
N ASP B 182 -36.75 -1.37 3.65
CA ASP B 182 -37.44 -2.48 4.30
C ASP B 182 -37.48 -2.23 5.80
N SER B 183 -38.15 -3.11 6.54
CA SER B 183 -38.26 -2.94 7.99
C SER B 183 -36.97 -3.17 8.75
N ALA B 184 -36.90 -2.59 9.95
CA ALA B 184 -35.74 -2.71 10.82
C ALA B 184 -35.47 -4.18 11.12
N GLU B 185 -36.53 -4.90 11.47
CA GLU B 185 -36.41 -6.32 11.80
C GLU B 185 -35.85 -7.14 10.64
N GLU B 186 -36.34 -6.88 9.43
CA GLU B 186 -35.87 -7.62 8.28
C GLU B 186 -34.37 -7.42 8.04
N ILE B 187 -33.93 -6.17 8.02
CA ILE B 187 -32.52 -5.90 7.79
C ILE B 187 -31.64 -6.38 8.93
N VAL B 188 -32.02 -6.06 10.17
CA VAL B 188 -31.22 -6.49 11.32
C VAL B 188 -31.08 -8.01 11.32
N ALA B 189 -32.16 -8.71 10.95
CA ALA B 189 -32.12 -10.18 10.92
C ALA B 189 -31.13 -10.65 9.85
N GLY B 190 -31.14 -9.99 8.69
CA GLY B 190 -30.23 -10.37 7.64
C GLY B 190 -28.80 -10.13 8.11
N TYR B 191 -28.58 -8.95 8.66
CA TYR B 191 -27.26 -8.60 9.17
C TYR B 191 -26.79 -9.55 10.28
N VAL B 192 -27.70 -9.95 11.16
CA VAL B 192 -27.33 -10.85 12.25
C VAL B 192 -27.03 -12.25 11.72
N ALA B 193 -27.84 -12.72 10.79
CA ALA B 193 -27.63 -14.04 10.21
C ALA B 193 -26.28 -14.01 9.52
N GLN B 194 -26.02 -12.88 8.86
CA GLN B 194 -24.78 -12.64 8.14
C GLN B 194 -23.57 -12.76 9.05
N CYS B 195 -23.69 -12.25 10.27
CA CYS B 195 -22.61 -12.31 11.25
C CYS B 195 -22.44 -13.72 11.80
N ALA B 196 -23.50 -14.53 11.66
CA ALA B 196 -23.51 -15.90 12.16
C ALA B 196 -22.88 -16.93 11.22
N VAL B 197 -22.38 -16.47 10.07
CA VAL B 197 -21.76 -17.39 9.12
C VAL B 197 -20.50 -17.96 9.74
N LEU B 198 -20.37 -19.28 9.67
CA LEU B 198 -19.22 -19.99 10.25
C LEU B 198 -18.00 -20.07 9.34
N VAL B 199 -16.84 -19.71 9.87
CA VAL B 199 -15.58 -19.76 9.12
C VAL B 199 -14.43 -20.20 10.03
N THR B 200 -13.32 -20.60 9.41
CA THR B 200 -12.14 -21.00 10.17
C THR B 200 -11.07 -19.98 9.86
N VAL B 201 -10.00 -20.01 10.62
CA VAL B 201 -8.91 -19.09 10.40
C VAL B 201 -8.49 -19.16 8.93
N LYS B 202 -8.38 -20.39 8.41
CA LYS B 202 -7.97 -20.62 7.03
C LYS B 202 -8.94 -19.95 6.06
N ASP B 203 -10.24 -20.10 6.34
CA ASP B 203 -11.26 -19.50 5.48
C ASP B 203 -11.00 -18.00 5.38
N LEU B 204 -10.87 -17.35 6.53
CA LEU B 204 -10.63 -15.91 6.56
C LEU B 204 -9.38 -15.53 5.78
N ALA B 205 -8.32 -16.29 5.96
CA ALA B 205 -7.07 -16.02 5.26
C ALA B 205 -7.30 -16.02 3.75
N VAL B 206 -7.95 -17.07 3.25
CA VAL B 206 -8.22 -17.19 1.83
C VAL B 206 -9.12 -16.04 1.37
N MET B 207 -10.13 -15.74 2.18
CA MET B 207 -11.06 -14.68 1.88
C MET B 207 -10.35 -13.34 1.79
N GLY B 208 -9.44 -13.09 2.74
CA GLY B 208 -8.69 -11.85 2.74
C GLY B 208 -7.71 -11.80 1.57
N ALA B 209 -7.19 -12.97 1.22
CA ALA B 209 -6.26 -13.07 0.11
C ALA B 209 -6.91 -12.59 -1.18
N CYS B 210 -8.19 -12.90 -1.35
CA CYS B 210 -8.90 -12.47 -2.56
C CYS B 210 -8.84 -10.95 -2.68
N LEU B 211 -9.00 -10.26 -1.56
CA LEU B 211 -8.95 -8.81 -1.53
C LEU B 211 -7.51 -8.37 -1.73
N ALA B 212 -6.59 -9.05 -1.04
CA ALA B 212 -5.17 -8.71 -1.13
C ALA B 212 -4.62 -8.72 -2.56
N THR B 213 -5.07 -9.68 -3.37
CA THR B 213 -4.60 -9.80 -4.74
C THR B 213 -5.35 -8.91 -5.72
N GLY B 214 -6.35 -8.18 -5.23
CA GLY B 214 -7.10 -7.30 -6.12
C GLY B 214 -8.30 -8.00 -6.74
N GLY B 215 -8.83 -9.01 -6.06
CA GLY B 215 -9.99 -9.71 -6.57
C GLY B 215 -9.74 -11.07 -7.19
N ILE B 216 -8.48 -11.52 -7.21
CA ILE B 216 -8.12 -12.81 -7.77
C ILE B 216 -8.07 -13.87 -6.67
N HIS B 217 -8.70 -15.03 -6.90
CA HIS B 217 -8.66 -16.08 -5.90
C HIS B 217 -7.29 -16.75 -6.02
N PRO B 218 -6.48 -16.70 -4.96
CA PRO B 218 -5.13 -17.28 -4.95
C PRO B 218 -5.05 -18.79 -5.23
N MET B 219 -6.14 -19.51 -5.00
CA MET B 219 -6.14 -20.95 -5.22
C MET B 219 -6.55 -21.37 -6.62
N THR B 220 -7.16 -20.48 -7.39
CA THR B 220 -7.61 -20.86 -8.73
C THR B 220 -7.28 -19.87 -9.84
N GLY B 221 -6.85 -18.66 -9.47
CA GLY B 221 -6.53 -17.67 -10.48
C GLY B 221 -7.76 -17.05 -11.11
N GLU B 222 -8.93 -17.45 -10.64
CA GLU B 222 -10.19 -16.92 -11.16
C GLU B 222 -10.51 -15.57 -10.52
N ARG B 223 -10.84 -14.58 -11.34
CA ARG B 223 -11.18 -13.26 -10.80
C ARG B 223 -12.53 -13.35 -10.12
N MET B 224 -12.53 -13.07 -8.82
CA MET B 224 -13.75 -13.12 -8.02
C MET B 224 -14.39 -11.75 -7.93
N LEU B 225 -13.56 -10.72 -7.85
CA LEU B 225 -14.06 -9.35 -7.75
C LEU B 225 -13.30 -8.40 -8.67
N PRO B 226 -13.96 -7.34 -9.14
CA PRO B 226 -13.28 -6.39 -10.03
C PRO B 226 -12.20 -5.73 -9.17
N SER B 227 -10.99 -5.54 -9.69
CA SER B 227 -9.95 -4.93 -8.87
C SER B 227 -10.38 -3.61 -8.21
N ILE B 228 -11.24 -2.86 -8.89
CA ILE B 228 -11.74 -1.58 -8.39
C ILE B 228 -12.58 -1.74 -7.09
N VAL B 229 -13.32 -2.84 -7.02
CA VAL B 229 -14.16 -3.14 -5.85
C VAL B 229 -13.29 -3.61 -4.69
N ALA B 230 -12.32 -4.45 -5.01
CA ALA B 230 -11.41 -4.98 -3.99
C ALA B 230 -10.59 -3.86 -3.35
N ARG B 231 -10.22 -2.87 -4.13
CA ARG B 231 -9.45 -1.75 -3.61
C ARG B 231 -10.30 -0.92 -2.66
N ARG B 232 -11.49 -0.56 -3.11
CA ARG B 232 -12.41 0.21 -2.29
C ARG B 232 -12.56 -0.47 -0.92
N VAL B 233 -12.77 -1.78 -0.94
CA VAL B 233 -12.96 -2.55 0.30
C VAL B 233 -11.76 -2.45 1.24
N VAL B 234 -10.57 -2.73 0.72
CA VAL B 234 -9.39 -2.67 1.57
C VAL B 234 -9.11 -1.25 2.06
N SER B 235 -9.46 -0.26 1.24
CA SER B 235 -9.25 1.13 1.63
C SER B 235 -10.10 1.43 2.86
N VAL B 236 -11.38 1.06 2.78
CA VAL B 236 -12.32 1.28 3.87
C VAL B 236 -11.91 0.53 5.13
N MET B 237 -11.39 -0.68 4.97
CA MET B 237 -10.93 -1.48 6.10
C MET B 237 -9.78 -0.75 6.77
N THR B 238 -8.91 -0.16 5.95
CA THR B 238 -7.74 0.56 6.43
C THR B 238 -8.14 1.78 7.25
N SER B 239 -9.10 2.53 6.73
CA SER B 239 -9.56 3.73 7.41
C SER B 239 -10.36 3.50 8.69
N SER B 240 -11.21 2.47 8.73
CA SER B 240 -12.04 2.23 9.90
C SER B 240 -12.04 0.84 10.55
N GLY B 241 -11.49 -0.16 9.89
CA GLY B 241 -11.49 -1.50 10.46
C GLY B 241 -11.01 -1.63 11.90
N MET B 242 -9.91 -0.96 12.22
CA MET B 242 -9.31 -0.99 13.56
C MET B 242 -9.34 0.41 14.17
N TYR B 243 -10.40 1.16 13.86
CA TYR B 243 -10.50 2.53 14.31
C TYR B 243 -10.20 2.81 15.79
N ASP B 244 -10.75 2.00 16.70
CA ASP B 244 -10.51 2.25 18.11
C ASP B 244 -9.41 1.44 18.79
N ALA B 245 -8.56 0.78 18.02
CA ALA B 245 -7.47 -0.01 18.61
C ALA B 245 -6.42 0.94 19.17
N ALA B 246 -5.57 0.43 20.06
CA ALA B 246 -4.51 1.24 20.67
C ALA B 246 -3.52 1.78 19.63
N GLY B 247 -3.03 2.99 19.86
CA GLY B 247 -2.10 3.61 18.93
C GLY B 247 -2.85 3.97 17.66
N GLN B 248 -2.17 3.89 16.53
CA GLN B 248 -2.79 4.19 15.24
C GLN B 248 -2.40 3.03 14.33
N TRP B 249 -3.37 2.14 14.10
CA TRP B 249 -3.15 0.94 13.30
C TRP B 249 -2.36 1.06 12.00
N LEU B 250 -2.77 1.96 11.11
CA LEU B 250 -2.09 2.11 9.84
C LEU B 250 -0.60 2.41 10.01
N ALA B 251 -0.28 3.35 10.89
CA ALA B 251 1.11 3.72 11.14
C ALA B 251 1.87 2.67 11.95
N ASP B 252 1.18 2.00 12.85
CA ASP B 252 1.84 1.01 13.69
C ASP B 252 1.96 -0.36 13.05
N VAL B 253 0.84 -0.85 12.52
CA VAL B 253 0.81 -2.17 11.91
C VAL B 253 0.86 -2.17 10.38
N GLY B 254 0.06 -1.30 9.77
CA GLY B 254 0.05 -1.22 8.32
C GLY B 254 -0.60 -2.39 7.61
N ILE B 255 -1.32 -3.22 8.35
CA ILE B 255 -2.02 -4.36 7.76
C ILE B 255 -3.51 -4.14 7.88
N PRO B 256 -4.19 -3.82 6.76
CA PRO B 256 -5.63 -3.60 6.80
C PRO B 256 -6.34 -4.79 7.42
N ALA B 257 -7.07 -4.56 8.50
CA ALA B 257 -7.76 -5.67 9.17
C ALA B 257 -9.09 -5.32 9.83
N LYS B 258 -9.80 -6.38 10.24
CA LYS B 258 -11.07 -6.23 10.92
C LYS B 258 -11.25 -7.40 11.89
N SER B 259 -11.72 -7.09 13.10
CA SER B 259 -11.93 -8.11 14.12
C SER B 259 -13.41 -8.44 14.35
N GLY B 260 -13.67 -9.68 14.74
CA GLY B 260 -15.03 -10.12 15.02
C GLY B 260 -15.12 -10.47 16.49
N VAL B 261 -16.25 -10.18 17.12
CA VAL B 261 -16.39 -10.45 18.56
C VAL B 261 -16.36 -11.93 18.95
N ALA B 262 -16.30 -12.81 17.96
CA ALA B 262 -16.24 -14.24 18.22
C ALA B 262 -14.77 -14.62 18.33
N GLY B 263 -13.89 -13.67 18.02
CA GLY B 263 -12.47 -13.92 18.14
C GLY B 263 -11.67 -14.04 16.85
N GLY B 264 -12.31 -13.85 15.71
CA GLY B 264 -11.58 -13.95 14.46
C GLY B 264 -11.13 -12.62 13.91
N VAL B 265 -9.86 -12.54 13.50
CA VAL B 265 -9.33 -11.31 12.95
C VAL B 265 -8.94 -11.53 11.48
N LEU B 266 -9.46 -10.68 10.61
CA LEU B 266 -9.22 -10.77 9.17
C LEU B 266 -8.19 -9.73 8.76
N GLY B 267 -7.24 -10.15 7.93
CA GLY B 267 -6.21 -9.25 7.45
C GLY B 267 -6.07 -9.38 5.94
N ALA B 268 -5.67 -8.29 5.28
CA ALA B 268 -5.49 -8.30 3.84
C ALA B 268 -4.48 -7.23 3.45
N LEU B 269 -3.28 -7.67 3.08
CA LEU B 269 -2.21 -6.77 2.70
C LEU B 269 -2.00 -6.89 1.19
N PRO B 270 -2.42 -5.86 0.44
CA PRO B 270 -2.29 -5.84 -1.01
C PRO B 270 -0.97 -6.39 -1.53
N GLY B 271 -1.09 -7.26 -2.53
CA GLY B 271 0.07 -7.86 -3.16
C GLY B 271 0.91 -8.82 -2.35
N ARG B 272 0.51 -9.12 -1.11
CA ARG B 272 1.33 -10.04 -0.32
C ARG B 272 0.66 -11.15 0.48
N VAL B 273 -0.32 -10.84 1.32
CA VAL B 273 -0.92 -11.90 2.10
C VAL B 273 -2.31 -11.63 2.65
N GLY B 274 -3.03 -12.73 2.90
CA GLY B 274 -4.36 -12.67 3.48
C GLY B 274 -4.17 -13.28 4.86
N ILE B 275 -4.75 -12.66 5.88
CA ILE B 275 -4.57 -13.15 7.24
C ILE B 275 -5.85 -13.57 7.96
N GLY B 276 -5.73 -14.66 8.72
CA GLY B 276 -6.84 -15.16 9.50
C GLY B 276 -6.29 -15.53 10.87
N VAL B 277 -6.93 -15.04 11.93
CA VAL B 277 -6.48 -15.37 13.29
C VAL B 277 -7.68 -15.60 14.18
N PHE B 278 -7.60 -16.64 15.01
CA PHE B 278 -8.70 -16.96 15.90
C PHE B 278 -8.28 -17.04 17.37
N SER B 279 -8.90 -16.19 18.18
CA SER B 279 -8.67 -16.14 19.62
C SER B 279 -9.91 -15.51 20.27
N PRO B 280 -10.77 -16.34 20.87
CA PRO B 280 -12.01 -15.94 21.53
C PRO B 280 -12.03 -14.68 22.36
N ARG B 281 -11.19 -14.60 23.38
CA ARG B 281 -11.16 -13.44 24.27
C ARG B 281 -10.87 -12.12 23.59
N LEU B 282 -11.56 -11.08 24.06
CA LEU B 282 -11.41 -9.74 23.52
C LEU B 282 -10.71 -8.80 24.49
N ASP B 283 -10.04 -7.79 23.95
CA ASP B 283 -9.38 -6.79 24.79
C ASP B 283 -10.49 -5.80 25.16
N GLU B 284 -10.16 -4.73 25.87
CA GLU B 284 -11.21 -3.80 26.26
C GLU B 284 -11.87 -2.98 25.15
N VAL B 285 -11.26 -2.94 23.96
CA VAL B 285 -11.88 -2.18 22.87
C VAL B 285 -12.78 -3.09 22.08
N GLY B 286 -12.78 -4.38 22.42
CA GLY B 286 -13.63 -5.32 21.72
C GLY B 286 -13.03 -6.12 20.59
N ASN B 287 -11.71 -6.10 20.45
CA ASN B 287 -11.06 -6.87 19.39
C ASN B 287 -10.39 -8.08 20.02
N SER B 288 -10.18 -9.14 19.24
CA SER B 288 -9.53 -10.34 19.76
C SER B 288 -8.16 -9.91 20.25
N ALA B 289 -7.89 -10.12 21.54
CA ALA B 289 -6.61 -9.73 22.14
C ALA B 289 -5.41 -10.34 21.42
N ARG B 290 -5.27 -11.66 21.51
CA ARG B 290 -4.16 -12.34 20.87
C ARG B 290 -4.25 -12.15 19.36
N GLY B 291 -5.48 -12.11 18.85
CA GLY B 291 -5.69 -11.93 17.43
C GLY B 291 -5.01 -10.65 16.97
N VAL B 292 -5.25 -9.58 17.72
CA VAL B 292 -4.66 -8.28 17.43
C VAL B 292 -3.13 -8.37 17.56
N LEU B 293 -2.69 -8.86 18.72
CA LEU B 293 -1.27 -9.00 18.99
C LEU B 293 -0.54 -9.84 17.95
N ALA B 294 -1.18 -10.90 17.47
CA ALA B 294 -0.56 -11.76 16.46
C ALA B 294 -0.29 -10.91 15.21
N CYS B 295 -1.28 -10.10 14.83
CA CYS B 295 -1.15 -9.24 13.67
C CYS B 295 0.00 -8.24 13.84
N ARG B 296 0.13 -7.68 15.03
CA ARG B 296 1.21 -6.71 15.27
C ARG B 296 2.56 -7.43 15.14
N ARG B 297 2.61 -8.68 15.60
CA ARG B 297 3.85 -9.46 15.51
C ARG B 297 4.20 -9.79 14.06
N LEU B 298 3.19 -10.12 13.25
CA LEU B 298 3.41 -10.44 11.84
C LEU B 298 3.99 -9.22 11.14
N SER B 299 3.42 -8.06 11.43
CA SER B 299 3.86 -6.80 10.85
C SER B 299 5.31 -6.45 11.18
N GLU B 300 5.74 -6.76 12.40
CA GLU B 300 7.10 -6.46 12.82
C GLU B 300 8.12 -7.54 12.47
N ASP B 301 7.81 -8.78 12.82
CA ASP B 301 8.73 -9.89 12.55
C ASP B 301 9.00 -10.09 11.05
N PHE B 302 7.99 -9.89 10.21
CA PHE B 302 8.15 -10.05 8.77
C PHE B 302 8.29 -8.70 8.06
N ARG B 303 8.26 -7.63 8.84
CA ARG B 303 8.38 -6.27 8.32
C ARG B 303 7.43 -5.99 7.17
N LEU B 304 6.16 -6.30 7.40
CA LEU B 304 5.12 -6.07 6.42
C LEU B 304 4.42 -4.76 6.74
N HIS B 305 4.02 -4.04 5.71
CA HIS B 305 3.33 -2.78 5.88
C HIS B 305 2.72 -2.33 4.56
N LEU B 306 1.61 -1.60 4.66
CA LEU B 306 0.93 -1.10 3.49
C LEU B 306 1.85 -0.11 2.75
N MET B 307 2.62 0.65 3.51
CA MET B 307 3.49 1.66 2.94
C MET B 307 4.83 1.24 2.36
N ASP B 308 5.18 -0.04 2.44
CA ASP B 308 6.48 -0.41 1.88
C ASP B 308 6.46 -0.55 0.35
N GLY B 309 7.56 -0.15 -0.28
CA GLY B 309 7.67 -0.17 -1.73
C GLY B 309 8.14 -1.43 -2.43
N ASP B 310 7.47 -2.54 -2.15
CA ASP B 310 7.80 -3.83 -2.75
C ASP B 310 7.10 -3.92 -4.12
N SER B 311 7.66 -3.26 -5.13
CA SER B 311 7.04 -3.29 -6.46
C SER B 311 7.90 -3.96 -7.53
N LEU B 312 7.28 -4.24 -8.67
CA LEU B 312 7.99 -4.87 -9.78
C LEU B 312 8.99 -3.89 -10.39
N GLY B 313 8.54 -2.67 -10.66
CA GLY B 313 9.40 -1.66 -11.26
C GLY B 313 10.23 -2.16 -12.43
N GLY B 314 11.54 -1.86 -12.38
CA GLY B 314 12.44 -2.25 -13.46
C GLY B 314 12.61 -3.74 -13.73
N THR B 315 12.16 -4.57 -12.79
CA THR B 315 12.28 -6.02 -12.98
C THR B 315 11.29 -6.46 -14.07
N ALA B 316 10.43 -5.54 -14.51
CA ALA B 316 9.48 -5.85 -15.58
C ALA B 316 10.31 -6.16 -16.84
N VAL B 317 11.58 -5.75 -16.80
CA VAL B 317 12.50 -6.00 -17.89
C VAL B 317 13.38 -7.18 -17.43
N ARG B 318 13.19 -8.35 -18.04
CA ARG B 318 13.96 -9.54 -17.69
C ARG B 318 15.40 -9.35 -18.18
N PHE B 319 15.55 -8.89 -19.42
CA PHE B 319 16.86 -8.64 -20.00
C PHE B 319 16.78 -7.96 -21.37
N VAL B 320 17.88 -7.34 -21.78
CA VAL B 320 17.97 -6.67 -23.08
C VAL B 320 19.30 -7.07 -23.72
N GLU B 321 19.25 -7.91 -24.75
CA GLU B 321 20.45 -8.36 -25.42
C GLU B 321 20.49 -7.89 -26.87
N ARG B 322 21.70 -7.66 -27.38
CA ARG B 322 21.91 -7.17 -28.73
C ARG B 322 22.70 -8.13 -29.63
N GLU B 323 22.18 -8.37 -30.83
CA GLU B 323 22.86 -9.24 -31.80
C GLU B 323 23.00 -8.52 -33.14
N GLY B 324 24.09 -7.79 -33.29
CA GLY B 324 24.32 -7.06 -34.53
C GLY B 324 23.46 -5.83 -34.69
N ASP B 325 22.36 -5.96 -35.42
CA ASP B 325 21.47 -4.84 -35.66
C ASP B 325 20.11 -5.00 -34.99
N ARG B 326 19.86 -6.14 -34.36
CA ARG B 326 18.59 -6.31 -33.66
C ARG B 326 18.74 -6.55 -32.16
N VAL B 327 17.83 -5.96 -31.40
CA VAL B 327 17.82 -6.05 -29.94
C VAL B 327 16.65 -6.89 -29.45
N PHE B 328 16.92 -7.76 -28.49
CA PHE B 328 15.89 -8.61 -27.92
C PHE B 328 15.55 -8.07 -26.53
N LEU B 329 14.31 -7.65 -26.34
CA LEU B 329 13.88 -7.11 -25.07
C LEU B 329 12.78 -8.00 -24.46
N HIS B 330 13.11 -8.70 -23.38
CA HIS B 330 12.14 -9.57 -22.73
C HIS B 330 11.53 -8.97 -21.47
N LEU B 331 10.21 -9.02 -21.39
CA LEU B 331 9.46 -8.50 -20.24
C LEU B 331 9.01 -9.67 -19.37
N GLN B 332 8.47 -9.36 -18.19
CA GLN B 332 8.04 -10.40 -17.27
C GLN B 332 7.25 -9.82 -16.10
N GLY B 333 6.65 -10.71 -15.31
CA GLY B 333 5.89 -10.29 -14.14
C GLY B 333 4.51 -9.71 -14.40
N VAL B 334 3.93 -9.13 -13.33
CA VAL B 334 2.62 -8.49 -13.37
C VAL B 334 2.85 -7.02 -13.71
N ILE B 335 2.60 -6.66 -14.96
CA ILE B 335 2.85 -5.30 -15.42
C ILE B 335 1.69 -4.31 -15.37
N ARG B 336 1.83 -3.31 -14.51
CA ARG B 336 0.85 -2.24 -14.38
C ARG B 336 1.61 -0.96 -14.68
N PHE B 337 1.13 0.19 -14.24
CA PHE B 337 1.82 1.45 -14.53
C PHE B 337 3.33 1.36 -14.28
N GLY B 338 3.70 1.06 -13.04
CA GLY B 338 5.10 0.96 -12.68
C GLY B 338 5.94 0.06 -13.56
N GLY B 339 5.37 -1.08 -13.95
CA GLY B 339 6.09 -2.00 -14.80
C GLY B 339 6.27 -1.40 -16.17
N ALA B 340 5.19 -0.85 -16.71
CA ALA B 340 5.21 -0.24 -18.04
C ALA B 340 6.14 0.98 -18.11
N GLU B 341 6.21 1.76 -17.03
CA GLU B 341 7.06 2.94 -17.01
C GLU B 341 8.52 2.50 -17.22
N ALA B 342 8.90 1.39 -16.59
CA ALA B 342 10.24 0.87 -16.71
C ALA B 342 10.53 0.43 -18.15
N VAL B 343 9.57 -0.26 -18.77
CA VAL B 343 9.73 -0.72 -20.14
C VAL B 343 10.01 0.46 -21.08
N LEU B 344 9.21 1.53 -20.96
CA LEU B 344 9.40 2.71 -21.77
C LEU B 344 10.80 3.28 -21.57
N ASP B 345 11.27 3.26 -20.33
CA ASP B 345 12.61 3.77 -20.02
C ASP B 345 13.63 2.93 -20.79
N ALA B 346 13.40 1.62 -20.84
CA ALA B 346 14.30 0.72 -21.55
C ALA B 346 14.28 1.05 -23.05
N LEU B 347 13.08 1.23 -23.60
CA LEU B 347 12.95 1.56 -25.01
C LEU B 347 13.65 2.87 -25.36
N THR B 348 13.38 3.90 -24.57
CA THR B 348 14.00 5.19 -24.78
C THR B 348 15.52 5.13 -24.59
N ASP B 349 15.96 4.20 -23.75
CA ASP B 349 17.40 4.06 -23.50
C ASP B 349 18.13 3.54 -24.74
N LEU B 350 17.37 2.95 -25.66
CA LEU B 350 17.94 2.47 -26.92
C LEU B 350 17.91 3.74 -27.78
N ARG B 351 19.05 4.40 -27.93
CA ARG B 351 19.11 5.64 -28.70
C ARG B 351 18.76 5.46 -30.18
N THR B 352 17.52 5.07 -30.44
CA THR B 352 17.05 4.86 -31.81
C THR B 352 16.52 6.13 -32.44
N GLY B 353 16.34 7.18 -31.62
CA GLY B 353 15.82 8.44 -32.12
C GLY B 353 16.80 9.23 -32.99
N TRP B 361 17.06 17.26 -15.87
CA TRP B 361 17.86 17.98 -14.89
C TRP B 361 19.21 18.42 -15.49
N ASP B 362 19.82 19.43 -14.88
CA ASP B 362 21.11 19.92 -15.35
C ASP B 362 22.25 19.20 -14.63
N ALA B 363 23.08 18.51 -15.40
CA ALA B 363 24.20 17.76 -14.84
C ALA B 363 25.19 18.64 -14.07
N ALA B 364 25.21 19.93 -14.37
CA ALA B 364 26.12 20.85 -13.69
C ALA B 364 25.54 21.21 -12.33
N VAL B 365 24.21 21.24 -12.25
CA VAL B 365 23.52 21.57 -11.01
C VAL B 365 23.61 20.38 -10.05
N TYR B 366 23.45 19.18 -10.60
CA TYR B 366 23.50 17.95 -9.80
C TYR B 366 24.71 17.06 -10.14
N PRO B 367 25.92 17.48 -9.74
CA PRO B 367 27.07 16.64 -10.06
C PRO B 367 26.98 15.23 -9.47
N ARG B 368 26.40 15.10 -8.28
CA ARG B 368 26.26 13.79 -7.63
C ARG B 368 25.37 12.84 -8.44
N TRP B 369 24.34 13.40 -9.05
CA TRP B 369 23.39 12.64 -9.85
C TRP B 369 24.05 12.05 -11.10
N GLN B 370 25.07 12.74 -11.60
CA GLN B 370 25.79 12.29 -12.79
C GLN B 370 26.78 11.18 -12.51
N GLU B 371 27.49 11.30 -11.38
CA GLU B 371 28.47 10.29 -11.01
C GLU B 371 27.73 9.00 -10.68
N ALA B 372 26.46 9.13 -10.33
CA ALA B 372 25.64 7.96 -9.98
C ALA B 372 25.14 7.26 -11.25
N ALA B 373 24.66 8.07 -12.21
CA ALA B 373 24.15 7.54 -13.46
C ALA B 373 25.28 7.01 -14.33
N ALA B 374 26.51 7.26 -13.90
CA ALA B 374 27.70 6.80 -14.61
C ALA B 374 27.85 5.31 -14.38
N ASP B 375 27.67 4.89 -13.14
CA ASP B 375 27.74 3.47 -12.80
C ASP B 375 26.32 2.94 -12.92
N ARG B 376 25.86 2.87 -14.16
CA ARG B 376 24.54 2.42 -14.55
C ARG B 376 23.96 1.20 -13.81
N ALA B 377 24.77 0.15 -13.67
CA ALA B 377 24.32 -1.07 -13.00
C ALA B 377 24.16 -0.93 -11.49
N ALA B 378 25.06 -0.18 -10.87
CA ALA B 378 25.03 0.04 -9.43
C ALA B 378 23.81 0.82 -8.98
N LEU B 379 23.50 1.91 -9.70
CA LEU B 379 22.34 2.72 -9.37
C LEU B 379 21.07 1.87 -9.50
N SER B 380 21.04 1.04 -10.55
CA SER B 380 19.90 0.17 -10.82
C SER B 380 19.75 -0.86 -9.69
N ALA B 381 20.87 -1.33 -9.16
CA ALA B 381 20.85 -2.30 -8.08
C ALA B 381 20.28 -1.67 -6.81
N ALA B 382 20.77 -0.47 -6.49
CA ALA B 382 20.35 0.24 -5.28
C ALA B 382 18.91 0.74 -5.33
N THR B 383 18.36 0.88 -6.53
CA THR B 383 17.00 1.38 -6.69
C THR B 383 15.98 0.30 -7.10
N GLY B 384 16.43 -0.74 -7.77
CA GLY B 384 15.53 -1.79 -8.18
C GLY B 384 15.06 -1.60 -9.61
N GLY B 385 15.99 -1.21 -10.49
CA GLY B 385 15.64 -1.01 -11.89
C GLY B 385 15.68 -2.27 -12.71
N GLY B 386 15.91 -3.41 -12.05
CA GLY B 386 15.95 -4.69 -12.73
C GLY B 386 16.97 -4.77 -13.85
N ALA B 387 16.50 -4.96 -15.07
CA ALA B 387 17.39 -5.06 -16.22
C ALA B 387 17.21 -3.90 -17.20
N VAL B 388 16.59 -2.82 -16.74
CA VAL B 388 16.37 -1.65 -17.58
C VAL B 388 17.70 -1.03 -18.03
N HIS B 389 18.72 -1.11 -17.18
CA HIS B 389 20.02 -0.55 -17.50
C HIS B 389 20.67 -1.20 -18.73
N GLU B 390 20.43 -2.49 -18.92
CA GLU B 390 20.99 -3.21 -20.06
C GLU B 390 20.66 -2.59 -21.41
N ALA B 391 19.52 -1.93 -21.51
CA ALA B 391 19.13 -1.29 -22.76
C ALA B 391 20.22 -0.28 -23.17
N ALA B 392 20.53 0.65 -22.30
CA ALA B 392 21.55 1.65 -22.59
C ALA B 392 22.87 0.99 -22.99
N ALA B 393 23.13 -0.19 -22.44
CA ALA B 393 24.34 -0.93 -22.74
C ALA B 393 24.32 -1.39 -24.20
N ALA B 394 23.14 -1.83 -24.64
CA ALA B 394 22.96 -2.28 -26.01
C ALA B 394 23.26 -1.15 -26.98
N ALA B 395 22.74 0.04 -26.69
CA ALA B 395 22.98 1.20 -27.54
C ALA B 395 24.34 1.82 -27.20
N ASP B 401 30.22 -0.84 -34.75
CA ASP B 401 28.90 -1.46 -34.76
C ASP B 401 28.02 -0.90 -35.87
N GLY B 402 26.79 -0.54 -35.50
CA GLY B 402 25.84 0.02 -36.44
C GLY B 402 24.55 0.42 -35.74
N PRO B 403 23.50 0.77 -36.51
CA PRO B 403 22.19 1.17 -35.97
C PRO B 403 21.20 0.01 -35.74
N ILE B 404 20.37 0.15 -34.71
CA ILE B 404 19.38 -0.86 -34.38
C ILE B 404 18.25 -0.83 -35.41
N ARG B 405 18.07 -1.93 -36.12
CA ARG B 405 17.04 -2.02 -37.16
C ARG B 405 15.80 -2.79 -36.72
N THR B 406 15.97 -3.68 -35.74
CA THR B 406 14.86 -4.47 -35.26
C THR B 406 14.87 -4.61 -33.74
N VAL B 407 13.67 -4.69 -33.17
CA VAL B 407 13.52 -4.86 -31.73
C VAL B 407 12.43 -5.90 -31.54
N VAL B 408 12.79 -7.01 -30.92
CA VAL B 408 11.83 -8.07 -30.65
C VAL B 408 11.34 -7.87 -29.23
N LEU B 409 10.03 -7.70 -29.06
CA LEU B 409 9.45 -7.52 -27.74
C LEU B 409 8.82 -8.85 -27.34
N ASN B 410 9.45 -9.56 -26.41
CA ASN B 410 8.94 -10.85 -25.96
C ASN B 410 8.16 -10.73 -24.67
N LEU B 411 6.93 -11.23 -24.67
CA LEU B 411 6.07 -11.15 -23.50
C LEU B 411 5.71 -12.53 -22.93
N ALA B 412 6.53 -13.53 -23.23
CA ALA B 412 6.28 -14.88 -22.76
C ALA B 412 6.27 -14.99 -21.23
N ARG B 413 7.24 -14.34 -20.60
CA ARG B 413 7.39 -14.35 -19.15
C ARG B 413 6.49 -13.35 -18.42
N VAL B 414 5.61 -12.69 -19.15
CA VAL B 414 4.72 -11.74 -18.51
C VAL B 414 3.51 -12.50 -18.00
N ASP B 415 3.29 -12.51 -16.69
CA ASP B 415 2.17 -13.23 -16.11
C ASP B 415 0.83 -12.61 -16.53
N ARG B 416 0.74 -11.29 -16.39
CA ARG B 416 -0.46 -10.56 -16.79
C ARG B 416 -0.12 -9.09 -16.94
N ILE B 417 -1.12 -8.28 -17.27
CA ILE B 417 -0.90 -6.84 -17.45
C ILE B 417 -2.25 -6.13 -17.55
N ASP B 418 -2.32 -4.88 -17.09
CA ASP B 418 -3.58 -4.15 -17.17
C ASP B 418 -3.62 -3.27 -18.41
N ASP B 419 -4.78 -2.68 -18.67
CA ASP B 419 -4.95 -1.82 -19.83
C ASP B 419 -3.98 -0.66 -19.80
N VAL B 420 -3.69 -0.16 -18.61
CA VAL B 420 -2.77 0.96 -18.49
C VAL B 420 -1.42 0.53 -19.03
N GLY B 421 -1.01 -0.69 -18.68
CA GLY B 421 0.26 -1.21 -19.14
C GLY B 421 0.19 -1.51 -20.62
N ARG B 422 -0.96 -1.99 -21.06
CA ARG B 422 -1.14 -2.31 -22.46
C ARG B 422 -1.05 -1.02 -23.26
N ARG B 423 -1.73 0.01 -22.78
CA ARG B 423 -1.75 1.30 -23.45
C ARG B 423 -0.36 1.92 -23.56
N LEU B 424 0.39 1.92 -22.46
CA LEU B 424 1.73 2.49 -22.45
C LEU B 424 2.72 1.76 -23.35
N ILE B 425 2.79 0.43 -23.23
CA ILE B 425 3.71 -0.33 -24.07
C ILE B 425 3.32 -0.15 -25.54
N ALA B 426 2.03 -0.32 -25.83
CA ALA B 426 1.54 -0.15 -27.19
C ALA B 426 2.02 1.17 -27.75
N GLU B 427 1.83 2.24 -26.98
CA GLU B 427 2.27 3.57 -27.41
C GLU B 427 3.78 3.56 -27.54
N GLY B 428 4.45 2.77 -26.71
CA GLY B 428 5.90 2.68 -26.76
C GLY B 428 6.35 2.06 -28.06
N VAL B 429 5.73 0.94 -28.43
CA VAL B 429 6.05 0.23 -29.66
C VAL B 429 5.81 1.15 -30.86
N ARG B 430 4.72 1.90 -30.82
CA ARG B 430 4.36 2.81 -31.90
C ARG B 430 5.46 3.83 -32.17
N ARG B 431 6.01 4.41 -31.11
CA ARG B 431 7.06 5.41 -31.25
C ARG B 431 8.39 4.80 -31.66
N LEU B 432 8.54 3.51 -31.43
CA LEU B 432 9.78 2.85 -31.81
C LEU B 432 9.77 2.71 -33.33
N GLN B 433 8.61 2.35 -33.86
CA GLN B 433 8.44 2.19 -35.30
C GLN B 433 8.55 3.56 -35.95
N ALA B 434 8.07 4.59 -35.26
CA ALA B 434 8.13 5.96 -35.77
C ALA B 434 9.57 6.43 -35.82
N ASP B 435 10.49 5.55 -35.44
CA ASP B 435 11.90 5.87 -35.47
C ASP B 435 12.56 5.05 -36.59
N GLY B 436 11.74 4.25 -37.26
CA GLY B 436 12.24 3.44 -38.35
C GLY B 436 12.71 2.07 -37.90
N VAL B 437 12.35 1.69 -36.69
CA VAL B 437 12.73 0.40 -36.15
C VAL B 437 11.61 -0.61 -36.36
N ARG B 438 11.96 -1.79 -36.87
CA ARG B 438 10.96 -2.82 -37.07
C ARG B 438 10.75 -3.47 -35.71
N VAL B 439 9.49 -3.63 -35.31
CA VAL B 439 9.20 -4.24 -34.03
C VAL B 439 8.32 -5.46 -34.15
N GLU B 440 8.84 -6.61 -33.79
CA GLU B 440 8.04 -7.83 -33.83
C GLU B 440 7.77 -8.27 -32.39
N VAL B 441 6.49 -8.41 -32.08
CA VAL B 441 6.07 -8.78 -30.73
C VAL B 441 5.76 -10.26 -30.58
N GLU B 442 6.60 -10.96 -29.82
CA GLU B 442 6.39 -12.37 -29.57
C GLU B 442 5.48 -12.46 -28.34
N ASP B 443 4.18 -12.66 -28.60
CA ASP B 443 3.18 -12.74 -27.53
C ASP B 443 2.36 -14.04 -27.63
N PRO B 444 2.96 -15.17 -27.24
CA PRO B 444 2.30 -16.47 -27.28
C PRO B 444 0.91 -16.56 -26.63
N GLU B 445 0.71 -15.88 -25.51
CA GLU B 445 -0.58 -15.93 -24.84
C GLU B 445 -1.40 -14.72 -25.25
N ARG B 446 -0.84 -13.96 -26.18
CA ARG B 446 -1.45 -12.74 -26.69
C ARG B 446 -2.24 -12.01 -25.60
N ILE B 447 -1.51 -11.23 -24.80
CA ILE B 447 -2.11 -10.48 -23.71
C ILE B 447 -1.97 -8.98 -23.95
N LEU B 448 -1.34 -8.62 -25.06
CA LEU B 448 -1.12 -7.22 -25.37
C LEU B 448 -2.31 -6.50 -25.99
N PRO B 449 -3.08 -7.17 -26.88
CA PRO B 449 -4.24 -6.52 -27.51
C PRO B 449 -5.38 -6.09 -26.57
N LEU B 450 -6.20 -5.17 -27.05
CA LEU B 450 -7.34 -4.61 -26.32
C LEU B 450 -6.92 -3.56 -25.29
N GLU C . 2.44 28.62 6.37
CA GLU C . 0.97 28.42 6.35
C GLU C . 0.32 28.75 7.68
O GLU C . -0.70 29.46 7.64
CB GLU C . 0.61 26.98 5.98
CG GLU C . 0.44 26.78 4.51
CD GLU C . -0.28 25.50 4.17
OE1 GLU C . -1.34 25.21 4.79
OE2 GLU C . 0.18 24.79 3.28
OXT GLU C . 0.80 28.29 8.74
N GLU D . -22.97 -9.02 15.56
CA GLU D . -22.34 -7.90 16.31
C GLU D . -23.24 -6.69 16.39
O GLU D . -23.36 -6.13 17.50
CB GLU D . -21.04 -7.47 15.65
CG GLU D . -19.82 -8.17 16.21
CD GLU D . -18.55 -7.49 15.78
OE1 GLU D . -18.39 -6.28 16.07
OE2 GLU D . -17.72 -8.15 15.15
OXT GLU D . -23.79 -6.30 15.34
#